data_9NCV
#
_entry.id   9NCV
#
_cell.length_a   46.768
_cell.length_b   68.834
_cell.length_c   94.382
_cell.angle_alpha   89.401
_cell.angle_beta   76.646
_cell.angle_gamma   89.967
#
_symmetry.space_group_name_H-M   'P 1'
#
loop_
_entity.id
_entity.type
_entity.pdbx_description
1 polymer 'WD repeat-containing protein 5'
2 non-polymer (6P)-6-[1-ethyl-3-(trifluoromethyl)-1H-pyrazol-4-yl]-3-[(4-fluoro-3-methylphenyl)methyl]-8-[(2-methyl-1H-imidazol-1-yl)methyl]-4,5-dihydro-3H-naphtho[1,2-d][1,2,3]triazole
3 water water
#
_entity_poly.entity_id   1
_entity_poly.type   'polypeptide(L)'
_entity_poly.pdbx_seq_one_letter_code
;MGSSHHHHHHGSSMSDSEVNQEAKPEVKPEVKPETHINLKVSDGSSEIFFKIKKTTPLRRLMEAFAKRQGKEMDSLRFLY
DGIRIQADQTPEDLDMEDNDIIEAHREQIGGSATQSKPTPVKPNYALKFTLAGHTKAVSSVKFSPNGEWLASSSADKLIK
IWGAYDGKFEKTISGHKLGISDVAWSSDSNLLVSASDDKTLKIWDVSSGKCLKTLKGHSNYVFCCNFNPQSNLIVSGSFD
ESVRIWDVKTGKCLKTLPAHSDPVSAVHFNRDGSLIVSSSYDGLCRIWDTASGQCLKTLIDDDNPPVSFVKFSPNGKYIL
AATLDNTLKLWDYSKGKCLKTYTGHKNEKYCIFANFSVTGGKWIVSGSEDNLVYIWNLQTKEIVQKLQGHTDVVISTACH
PTENIIASAALENDKTIKLWKSDC
;
_entity_poly.pdbx_strand_id   A,B,C,D
#
loop_
_chem_comp.id
_chem_comp.type
_chem_comp.name
_chem_comp.formula
A1BW8 non-polymer (6P)-6-[1-ethyl-3-(trifluoromethyl)-1H-pyrazol-4-yl]-3-[(4-fluoro-3-methylphenyl)methyl]-8-[(2-methyl-1H-imidazol-1-yl)methyl]-4,5-dihydro-3H-naphtho[1,2-d][1,2,3]triazole 'C29 H27 F4 N7'
#
# COMPACT_ATOMS: atom_id res chain seq x y z
N PRO A 123 -3.96 7.28 -1.84
CA PRO A 123 -4.60 8.32 -2.65
C PRO A 123 -4.35 8.12 -4.13
N ASN A 124 -5.10 8.83 -4.97
CA ASN A 124 -4.97 8.72 -6.41
C ASN A 124 -5.00 10.11 -7.02
N TYR A 125 -4.19 11.00 -6.47
CA TYR A 125 -4.05 12.34 -7.04
C TYR A 125 -3.71 12.27 -8.51
N ALA A 126 -4.46 13.04 -9.31
CA ALA A 126 -4.35 13.05 -10.75
C ALA A 126 -4.41 14.49 -11.24
N LEU A 127 -3.58 14.80 -12.23
CA LEU A 127 -3.51 16.15 -12.76
C LEU A 127 -4.85 16.55 -13.36
N LYS A 128 -5.39 17.68 -12.90
CA LYS A 128 -6.61 18.22 -13.49
C LYS A 128 -6.38 19.54 -14.23
N PHE A 129 -5.52 20.41 -13.70
CA PHE A 129 -5.31 21.70 -14.33
C PHE A 129 -3.84 22.09 -14.25
N THR A 130 -3.37 22.77 -15.28
CA THR A 130 -2.06 23.39 -15.27
C THR A 130 -2.25 24.88 -15.44
N LEU A 131 -1.61 25.66 -14.54
CA LEU A 131 -1.85 27.08 -14.40
C LEU A 131 -0.61 27.82 -14.89
N ALA A 132 -0.72 28.46 -16.04
CA ALA A 132 0.39 29.15 -16.67
C ALA A 132 0.15 30.65 -16.63
N GLY A 133 1.24 31.40 -16.55
CA GLY A 133 1.15 32.85 -16.54
C GLY A 133 2.39 33.52 -15.99
N HIS A 134 3.01 32.92 -14.98
CA HIS A 134 4.24 33.48 -14.45
C HIS A 134 5.34 33.35 -15.49
N THR A 135 6.23 34.34 -15.50
CA THR A 135 7.28 34.39 -16.52
C THR A 135 8.66 34.09 -15.96
N LYS A 136 8.76 33.84 -14.66
CA LYS A 136 9.94 33.27 -14.03
C LYS A 136 9.48 32.17 -13.07
N ALA A 137 10.43 31.59 -12.34
CA ALA A 137 10.11 30.52 -11.40
C ALA A 137 8.99 30.91 -10.46
N VAL A 138 8.12 29.96 -10.16
CA VAL A 138 7.11 30.15 -9.13
C VAL A 138 7.76 29.81 -7.79
N SER A 139 7.52 30.64 -6.77
CA SER A 139 8.19 30.45 -5.48
C SER A 139 7.34 29.84 -4.38
N SER A 140 6.02 30.05 -4.42
CA SER A 140 5.15 29.61 -3.33
C SER A 140 3.72 29.59 -3.84
N VAL A 141 2.95 28.59 -3.41
CA VAL A 141 1.51 28.57 -3.65
C VAL A 141 0.83 28.28 -2.31
N LYS A 142 -0.32 28.91 -2.09
CA LYS A 142 -1.05 28.79 -0.84
C LYS A 142 -2.56 28.84 -1.12
N PHE A 143 -3.31 27.90 -0.56
CA PHE A 143 -4.76 27.96 -0.66
C PHE A 143 -5.34 28.93 0.37
N SER A 144 -6.35 29.68 -0.04
CA SER A 144 -7.03 30.55 0.92
C SER A 144 -7.79 29.70 1.94
N PRO A 145 -7.86 30.12 3.20
CA PRO A 145 -8.50 29.27 4.23
C PRO A 145 -9.95 28.94 3.91
N ASN A 146 -10.66 29.78 3.15
CA ASN A 146 -12.03 29.48 2.77
C ASN A 146 -12.12 28.57 1.56
N GLY A 147 -10.99 28.10 1.03
CA GLY A 147 -10.99 27.11 -0.04
C GLY A 147 -11.30 27.64 -1.42
N GLU A 148 -11.59 28.94 -1.56
CA GLU A 148 -12.00 29.48 -2.85
C GLU A 148 -10.84 29.73 -3.79
N TRP A 149 -9.67 30.08 -3.26
CA TRP A 149 -8.61 30.66 -4.07
C TRP A 149 -7.29 29.96 -3.84
N LEU A 150 -6.42 30.06 -4.84
CA LEU A 150 -5.01 29.73 -4.69
C LEU A 150 -4.22 30.98 -5.05
N ALA A 151 -3.27 31.35 -4.19
CA ALA A 151 -2.36 32.44 -4.50
C ALA A 151 -0.99 31.88 -4.83
N SER A 152 -0.36 32.46 -5.84
CA SER A 152 1.01 32.11 -6.20
C SER A 152 1.90 33.34 -6.17
N SER A 153 3.16 33.12 -5.79
CA SER A 153 4.20 34.16 -5.87
C SER A 153 5.30 33.67 -6.80
N SER A 154 6.09 34.63 -7.31
CA SER A 154 7.08 34.27 -8.32
C SER A 154 8.26 35.23 -8.31
N ALA A 155 9.37 34.73 -8.84
CA ALA A 155 10.53 35.57 -9.11
C ALA A 155 10.22 36.69 -10.09
N ASP A 156 9.09 36.60 -10.82
CA ASP A 156 8.71 37.62 -11.77
C ASP A 156 8.07 38.84 -11.11
N LYS A 157 8.15 38.95 -9.78
CA LYS A 157 7.70 40.08 -8.95
C LYS A 157 6.18 40.12 -8.81
N LEU A 158 5.47 39.08 -9.24
CA LEU A 158 4.01 39.13 -9.31
C LEU A 158 3.39 38.11 -8.37
N ILE A 159 2.17 38.43 -7.93
CA ILE A 159 1.28 37.52 -7.24
C ILE A 159 0.12 37.23 -8.20
N LYS A 160 -0.28 35.97 -8.29
CA LYS A 160 -1.44 35.64 -9.11
C LYS A 160 -2.44 34.88 -8.26
N ILE A 161 -3.71 35.18 -8.47
CA ILE A 161 -4.81 34.50 -7.80
C ILE A 161 -5.50 33.63 -8.82
N TRP A 162 -5.89 32.43 -8.41
CA TRP A 162 -6.48 31.43 -9.29
C TRP A 162 -7.64 30.75 -8.55
N GLY A 163 -8.62 30.29 -9.32
CA GLY A 163 -9.65 29.47 -8.70
C GLY A 163 -9.09 28.19 -8.10
N ALA A 164 -9.45 27.87 -6.86
CA ALA A 164 -8.84 26.73 -6.19
C ALA A 164 -9.33 25.40 -6.74
N TYR A 165 -10.52 25.38 -7.33
CA TYR A 165 -11.14 24.14 -7.79
C TYR A 165 -10.94 23.91 -9.29
N ASP A 166 -10.80 24.97 -10.08
CA ASP A 166 -10.65 24.83 -11.52
C ASP A 166 -9.43 25.55 -12.08
N GLY A 167 -8.57 26.10 -11.23
CA GLY A 167 -7.37 26.79 -11.66
C GLY A 167 -7.62 28.04 -12.48
N LYS A 168 -8.86 28.51 -12.58
CA LYS A 168 -9.15 29.64 -13.46
C LYS A 168 -8.41 30.89 -13.00
N PHE A 169 -7.63 31.48 -13.90
CA PHE A 169 -6.94 32.74 -13.58
C PHE A 169 -7.94 33.80 -13.16
N GLU A 170 -7.65 34.44 -12.03
CA GLU A 170 -8.51 35.49 -11.48
C GLU A 170 -7.90 36.88 -11.64
N LYS A 171 -6.67 37.09 -11.15
CA LYS A 171 -6.07 38.41 -11.20
C LYS A 171 -4.58 38.33 -10.95
N THR A 172 -3.88 39.38 -11.34
CA THR A 172 -2.48 39.58 -10.99
C THR A 172 -2.39 40.75 -10.01
N ILE A 173 -1.56 40.57 -8.98
CA ILE A 173 -1.33 41.59 -7.97
C ILE A 173 0.13 42.01 -8.09
N SER A 174 0.36 43.31 -8.24
CA SER A 174 1.67 43.82 -8.61
C SER A 174 2.06 45.01 -7.75
N GLY A 175 3.37 45.22 -7.62
CA GLY A 175 3.86 46.33 -6.81
C GLY A 175 5.24 46.16 -6.23
N HIS A 176 5.62 44.93 -5.90
CA HIS A 176 6.99 44.70 -5.45
C HIS A 176 7.98 45.04 -6.55
N LYS A 177 9.13 45.57 -6.14
CA LYS A 177 10.17 45.98 -7.09
C LYS A 177 11.15 44.87 -7.43
N LEU A 178 11.20 43.81 -6.62
CA LEU A 178 12.00 42.64 -6.92
C LEU A 178 11.16 41.39 -6.70
N GLY A 179 11.76 40.23 -6.95
CA GLY A 179 11.02 38.97 -6.88
C GLY A 179 10.48 38.70 -5.49
N ILE A 180 9.50 37.81 -5.46
CA ILE A 180 8.78 37.44 -4.24
C ILE A 180 9.13 36.00 -3.90
N SER A 181 9.42 35.74 -2.62
CA SER A 181 9.73 34.39 -2.15
C SER A 181 8.53 33.65 -1.58
N ASP A 182 7.58 34.37 -1.00
CA ASP A 182 6.55 33.70 -0.21
C ASP A 182 5.33 34.60 -0.12
N VAL A 183 4.15 33.99 0.07
CA VAL A 183 2.91 34.71 0.28
C VAL A 183 2.09 33.92 1.28
N ALA A 184 1.21 34.61 2.00
CA ALA A 184 0.37 33.90 2.97
C ALA A 184 -0.93 34.67 3.19
N TRP A 185 -1.99 33.91 3.50
CA TRP A 185 -3.35 34.40 3.64
C TRP A 185 -3.70 34.75 5.09
N SER A 186 -4.51 35.80 5.24
CA SER A 186 -5.19 36.02 6.51
C SER A 186 -6.26 34.95 6.73
N SER A 187 -6.64 34.77 8.00
CA SER A 187 -7.61 33.72 8.32
C SER A 187 -8.96 33.93 7.65
N ASP A 188 -9.36 35.18 7.43
CA ASP A 188 -10.64 35.44 6.79
C ASP A 188 -10.56 35.45 5.27
N SER A 189 -9.40 35.09 4.70
CA SER A 189 -9.15 35.01 3.27
C SER A 189 -9.24 36.36 2.57
N ASN A 190 -9.27 37.47 3.31
CA ASN A 190 -9.41 38.76 2.67
C ASN A 190 -8.07 39.42 2.37
N LEU A 191 -7.02 39.09 3.11
CA LEU A 191 -5.73 39.74 2.95
C LEU A 191 -4.67 38.72 2.56
N LEU A 192 -3.64 39.21 1.87
CA LEU A 192 -2.42 38.46 1.59
C LEU A 192 -1.24 39.24 2.12
N VAL A 193 -0.20 38.54 2.55
CA VAL A 193 1.09 39.18 2.77
C VAL A 193 2.12 38.49 1.89
N SER A 194 3.05 39.27 1.35
CA SER A 194 4.09 38.78 0.45
C SER A 194 5.44 39.21 0.98
N ALA A 195 6.45 38.36 0.77
CA ALA A 195 7.82 38.61 1.22
C ALA A 195 8.72 38.69 0.00
N SER A 196 9.51 39.78 -0.09
CA SER A 196 10.20 40.10 -1.33
C SER A 196 11.69 40.36 -1.12
N ASP A 197 12.44 40.18 -2.22
CA ASP A 197 13.85 40.57 -2.26
C ASP A 197 14.04 42.08 -2.21
N ASP A 198 12.99 42.88 -2.38
CA ASP A 198 13.11 44.31 -2.17
C ASP A 198 13.17 44.70 -0.69
N LYS A 199 13.30 43.70 0.20
CA LYS A 199 13.50 43.83 1.64
C LYS A 199 12.23 44.21 2.37
N THR A 200 11.08 44.22 1.70
CA THR A 200 9.83 44.56 2.33
C THR A 200 8.86 43.39 2.30
N LEU A 201 7.85 43.46 3.15
CA LEU A 201 6.63 42.71 2.95
C LEU A 201 5.53 43.69 2.54
N LYS A 202 4.56 43.20 1.79
CA LYS A 202 3.38 43.98 1.48
C LYS A 202 2.13 43.24 1.93
N ILE A 203 1.20 43.99 2.52
CA ILE A 203 -0.12 43.49 2.84
C ILE A 203 -1.06 43.94 1.73
N TRP A 204 -1.83 43.01 1.19
CA TRP A 204 -2.68 43.26 0.03
C TRP A 204 -4.13 42.97 0.38
N ASP A 205 -5.02 43.83 -0.12
CA ASP A 205 -6.44 43.50 -0.14
C ASP A 205 -6.70 42.67 -1.39
N VAL A 206 -7.08 41.40 -1.21
CA VAL A 206 -7.15 40.48 -2.33
C VAL A 206 -8.25 40.89 -3.30
N SER A 207 -9.36 41.43 -2.77
CA SER A 207 -10.49 41.81 -3.62
C SER A 207 -10.14 42.96 -4.53
N SER A 208 -9.41 43.96 -4.03
CA SER A 208 -9.07 45.12 -4.86
C SER A 208 -7.70 45.01 -5.51
N GLY A 209 -6.84 44.10 -5.05
CA GLY A 209 -5.47 44.02 -5.52
C GLY A 209 -4.58 45.13 -5.04
N LYS A 210 -5.06 46.00 -4.16
CA LYS A 210 -4.30 47.17 -3.73
C LYS A 210 -3.38 46.82 -2.56
N CYS A 211 -2.19 47.42 -2.57
CA CYS A 211 -1.27 47.29 -1.46
C CYS A 211 -1.72 48.21 -0.32
N LEU A 212 -2.07 47.60 0.83
CA LEU A 212 -2.56 48.36 1.96
C LEU A 212 -1.43 48.92 2.81
N LYS A 213 -0.41 48.11 3.07
CA LYS A 213 0.72 48.49 3.91
C LYS A 213 1.99 47.92 3.29
N THR A 214 3.09 48.64 3.46
CA THR A 214 4.42 48.10 3.15
C THR A 214 5.21 48.01 4.45
N LEU A 215 5.71 46.82 4.75
CA LEU A 215 6.34 46.53 6.03
C LEU A 215 7.84 46.66 5.85
N LYS A 216 8.42 47.72 6.41
CA LYS A 216 9.80 48.10 6.19
C LYS A 216 10.60 47.88 7.47
N GLY A 217 11.77 47.26 7.34
CA GLY A 217 12.61 47.06 8.51
C GLY A 217 13.71 46.04 8.31
N HIS A 218 13.41 44.96 7.58
CA HIS A 218 14.45 43.98 7.30
C HIS A 218 15.56 44.63 6.47
N SER A 219 16.79 44.14 6.67
CA SER A 219 17.95 44.71 5.99
C SER A 219 18.44 43.84 4.85
N ASN A 220 17.71 42.79 4.50
CA ASN A 220 18.05 41.91 3.40
C ASN A 220 16.75 41.28 2.91
N TYR A 221 16.87 40.37 1.95
CA TYR A 221 15.69 39.72 1.37
C TYR A 221 14.77 39.17 2.45
N VAL A 222 13.47 39.36 2.27
CA VAL A 222 12.49 38.68 3.12
C VAL A 222 12.12 37.38 2.42
N PHE A 223 12.32 36.27 3.11
CA PHE A 223 12.17 34.95 2.52
C PHE A 223 10.84 34.29 2.85
N CYS A 224 10.36 34.44 4.08
CA CYS A 224 9.19 33.68 4.52
C CYS A 224 8.28 34.56 5.36
N CYS A 225 6.98 34.23 5.35
CA CYS A 225 6.00 35.02 6.09
C CYS A 225 4.77 34.19 6.42
N ASN A 226 4.01 34.67 7.41
CA ASN A 226 2.78 34.02 7.83
C ASN A 226 2.00 34.97 8.72
N PHE A 227 0.67 34.90 8.62
CA PHE A 227 -0.23 35.54 9.59
C PHE A 227 -0.37 34.61 10.80
N ASN A 228 -0.68 35.20 11.96
CA ASN A 228 -1.15 34.34 13.05
C ASN A 228 -2.64 34.03 12.87
N PRO A 229 -3.15 33.02 13.57
CA PRO A 229 -4.58 32.66 13.37
C PRO A 229 -5.54 33.82 13.58
N GLN A 230 -5.36 34.61 14.63
CA GLN A 230 -6.19 35.80 14.81
C GLN A 230 -5.99 36.80 13.69
N SER A 231 -4.83 36.78 13.04
CA SER A 231 -4.47 37.60 11.89
C SER A 231 -4.34 39.08 12.24
N ASN A 232 -4.06 39.38 13.51
CA ASN A 232 -3.61 40.71 13.88
C ASN A 232 -2.11 40.88 13.75
N LEU A 233 -1.36 39.78 13.59
CA LEU A 233 0.09 39.83 13.49
C LEU A 233 0.56 39.13 12.23
N ILE A 234 1.72 39.55 11.74
CA ILE A 234 2.49 38.84 10.73
C ILE A 234 3.86 38.52 11.30
N VAL A 235 4.37 37.33 11.00
CA VAL A 235 5.74 36.97 11.29
C VAL A 235 6.50 36.85 9.97
N SER A 236 7.75 37.28 9.97
CA SER A 236 8.58 37.23 8.77
C SER A 236 9.98 36.75 9.13
N GLY A 237 10.62 36.12 8.15
CA GLY A 237 12.01 35.69 8.30
C GLY A 237 12.84 36.14 7.12
N SER A 238 14.10 36.49 7.39
CA SER A 238 14.87 37.20 6.39
C SER A 238 16.28 36.65 6.27
N PHE A 239 16.90 36.94 5.13
CA PHE A 239 18.32 36.72 4.98
C PHE A 239 19.14 37.56 5.93
N ASP A 240 18.54 38.55 6.60
CA ASP A 240 19.28 39.31 7.59
C ASP A 240 19.38 38.60 8.94
N GLU A 241 18.94 37.33 8.98
CA GLU A 241 19.07 36.40 10.10
C GLU A 241 18.11 36.73 11.23
N SER A 242 17.18 37.64 11.02
CA SER A 242 16.22 38.01 12.04
C SER A 242 14.83 37.50 11.68
N VAL A 243 14.02 37.36 12.71
CA VAL A 243 12.58 37.17 12.59
C VAL A 243 11.91 38.45 13.10
N ARG A 244 10.95 38.97 12.35
CA ARG A 244 10.23 40.15 12.80
C ARG A 244 8.75 39.85 12.96
N ILE A 245 8.12 40.54 13.91
CA ILE A 245 6.71 40.43 14.21
C ILE A 245 6.09 41.80 13.95
N TRP A 246 5.04 41.82 13.14
CA TRP A 246 4.45 43.06 12.63
C TRP A 246 2.99 43.16 13.06
N ASP A 247 2.55 44.38 13.34
CA ASP A 247 1.13 44.63 13.55
C ASP A 247 0.45 44.88 12.20
N VAL A 248 -0.55 44.06 11.87
CA VAL A 248 -1.25 44.16 10.59
C VAL A 248 -1.93 45.53 10.44
N LYS A 249 -2.51 46.04 11.51
CA LYS A 249 -3.34 47.25 11.39
C LYS A 249 -2.51 48.52 11.24
N THR A 250 -1.38 48.62 11.93
CA THR A 250 -0.52 49.79 11.77
C THR A 250 0.60 49.58 10.76
N GLY A 251 0.88 48.34 10.37
CA GLY A 251 2.01 48.07 9.52
C GLY A 251 3.35 48.30 10.15
N LYS A 252 3.43 48.45 11.48
CA LYS A 252 4.67 48.72 12.16
C LYS A 252 5.27 47.43 12.72
N CYS A 253 6.58 47.42 12.86
CA CYS A 253 7.27 46.26 13.41
C CYS A 253 7.17 46.31 14.92
N LEU A 254 6.63 45.25 15.51
CA LEU A 254 6.50 45.19 16.96
C LEU A 254 7.77 44.69 17.63
N LYS A 255 8.39 43.65 17.07
CA LYS A 255 9.57 43.04 17.67
C LYS A 255 10.50 42.55 16.59
N THR A 256 11.80 42.65 16.87
CA THR A 256 12.84 42.09 16.02
C THR A 256 13.58 41.04 16.85
N LEU A 257 13.46 39.78 16.45
CA LEU A 257 14.09 38.69 17.17
C LEU A 257 15.43 38.36 16.52
N PRO A 258 16.54 38.39 17.28
CA PRO A 258 17.83 37.95 16.74
C PRO A 258 17.90 36.43 16.61
N ALA A 259 17.08 35.88 15.72
CA ALA A 259 16.69 34.48 15.85
C ALA A 259 17.80 33.51 15.51
N HIS A 260 18.64 33.85 14.53
CA HIS A 260 19.51 32.85 13.92
C HIS A 260 20.81 33.52 13.50
N SER A 261 21.78 32.68 13.12
CA SER A 261 23.08 33.17 12.67
C SER A 261 23.29 32.94 11.18
N ASP A 262 22.22 32.65 10.45
CA ASP A 262 22.21 32.47 9.01
C ASP A 262 20.80 32.80 8.56
N PRO A 263 20.57 32.90 7.24
CA PRO A 263 19.21 33.24 6.77
C PRO A 263 18.14 32.32 7.35
N VAL A 264 16.97 32.91 7.59
CA VAL A 264 15.83 32.21 8.16
C VAL A 264 15.04 31.58 7.04
N SER A 265 14.82 30.26 7.12
CA SER A 265 14.18 29.50 6.05
C SER A 265 12.68 29.32 6.22
N ALA A 266 12.15 29.40 7.43
CA ALA A 266 10.72 29.24 7.64
C ALA A 266 10.33 29.95 8.93
N VAL A 267 9.10 30.48 8.95
CA VAL A 267 8.46 30.95 10.18
C VAL A 267 6.99 30.56 10.16
N HIS A 268 6.48 30.12 11.32
CA HIS A 268 5.10 29.66 11.38
C HIS A 268 4.55 29.80 12.79
N PHE A 269 3.32 30.29 12.89
CA PHE A 269 2.61 30.36 14.17
C PHE A 269 1.92 29.04 14.47
N ASN A 270 1.74 28.77 15.76
CA ASN A 270 0.90 27.64 16.18
C ASN A 270 -0.56 28.10 16.17
N ARG A 271 -1.46 27.28 16.73
CA ARG A 271 -2.89 27.41 16.43
C ARG A 271 -3.57 28.55 17.15
N ASP A 272 -2.99 29.08 18.23
CA ASP A 272 -3.54 30.24 18.88
C ASP A 272 -2.58 31.42 18.79
N GLY A 273 -1.54 31.30 17.97
CA GLY A 273 -0.59 32.38 17.80
C GLY A 273 0.36 32.63 18.95
N SER A 274 0.37 31.77 19.98
CA SER A 274 1.25 32.03 21.12
C SER A 274 2.69 31.64 20.87
N LEU A 275 2.94 30.77 19.88
CA LEU A 275 4.27 30.27 19.57
C LEU A 275 4.62 30.58 18.12
N ILE A 276 5.90 30.83 17.87
CA ILE A 276 6.45 30.91 16.52
C ILE A 276 7.55 29.86 16.42
N VAL A 277 7.52 29.04 15.37
CA VAL A 277 8.64 28.16 15.10
C VAL A 277 9.43 28.74 13.93
N SER A 278 10.75 28.75 14.05
CA SER A 278 11.62 29.26 13.00
C SER A 278 12.71 28.25 12.70
N SER A 279 13.27 28.34 11.50
CA SER A 279 14.36 27.47 11.09
C SER A 279 15.36 28.29 10.30
N SER A 280 16.56 27.73 10.12
CA SER A 280 17.62 28.50 9.46
C SER A 280 18.70 27.57 8.94
N TYR A 281 19.45 28.10 7.98
CA TYR A 281 20.62 27.38 7.49
C TYR A 281 21.71 27.29 8.54
N ASP A 282 21.56 27.95 9.68
CA ASP A 282 22.50 27.74 10.79
C ASP A 282 22.31 26.36 11.43
N GLY A 283 21.32 25.59 11.00
CA GLY A 283 21.11 24.24 11.49
C GLY A 283 20.14 24.12 12.64
N LEU A 284 19.53 25.22 13.06
CA LEU A 284 18.71 25.25 14.26
C LEU A 284 17.23 25.37 13.92
N CYS A 285 16.41 24.79 14.78
CA CYS A 285 14.99 25.09 14.84
CA CYS A 285 14.98 25.07 14.85
C CYS A 285 14.69 25.65 16.22
N ARG A 286 14.06 26.82 16.26
CA ARG A 286 13.75 27.44 17.55
C ARG A 286 12.27 27.73 17.65
N ILE A 287 11.77 27.70 18.89
CA ILE A 287 10.39 28.01 19.19
C ILE A 287 10.40 29.26 20.06
N TRP A 288 9.63 30.26 19.66
CA TRP A 288 9.61 31.57 20.31
C TRP A 288 8.25 31.83 20.95
N ASP A 289 8.29 32.55 22.06
CA ASP A 289 7.08 33.03 22.70
C ASP A 289 6.67 34.35 22.03
N THR A 290 5.54 34.31 21.32
CA THR A 290 5.12 35.47 20.53
C THR A 290 5.02 36.72 21.40
N ALA A 291 4.42 36.60 22.58
CA ALA A 291 4.10 37.77 23.39
C ALA A 291 5.34 38.52 23.84
N SER A 292 6.41 37.78 24.19
CA SER A 292 7.63 38.36 24.72
C SER A 292 8.78 38.34 23.74
N GLY A 293 8.66 37.60 22.63
CA GLY A 293 9.76 37.45 21.71
C GLY A 293 10.92 36.63 22.22
N GLN A 294 10.81 36.04 23.41
CA GLN A 294 11.93 35.29 23.98
C GLN A 294 11.88 33.83 23.54
N CYS A 295 13.05 33.20 23.49
CA CYS A 295 13.15 31.85 23.00
C CYS A 295 12.75 30.86 24.09
N LEU A 296 11.78 30.00 23.78
CA LEU A 296 11.30 28.97 24.69
C LEU A 296 12.08 27.67 24.60
N LYS A 297 12.57 27.32 23.40
CA LYS A 297 13.14 26.00 23.16
C LYS A 297 13.94 26.08 21.88
N THR A 298 15.07 25.37 21.85
CA THR A 298 15.84 25.23 20.61
C THR A 298 15.76 23.79 20.12
N PRO A 305 23.66 20.26 9.41
CA PRO A 305 22.76 20.29 8.24
C PRO A 305 21.73 21.42 8.32
N PRO A 306 21.65 22.26 7.28
CA PRO A 306 20.66 23.33 7.30
C PRO A 306 19.26 22.81 7.51
N VAL A 307 18.46 23.55 8.28
CA VAL A 307 17.03 23.26 8.41
C VAL A 307 16.30 24.16 7.42
N SER A 308 15.75 23.54 6.39
CA SER A 308 15.24 24.24 5.22
C SER A 308 13.76 24.56 5.31
N PHE A 309 13.03 23.95 6.25
CA PHE A 309 11.61 24.22 6.39
C PHE A 309 11.11 23.66 7.71
N VAL A 310 10.21 24.40 8.36
CA VAL A 310 9.48 23.89 9.53
C VAL A 310 8.06 24.42 9.48
N LYS A 311 7.15 23.68 10.10
CA LYS A 311 5.82 24.22 10.36
C LYS A 311 5.14 23.36 11.40
N PHE A 312 4.25 23.99 12.17
CA PHE A 312 3.45 23.26 13.14
C PHE A 312 2.45 22.35 12.45
N SER A 313 2.09 21.26 13.14
CA SER A 313 1.06 20.35 12.66
C SER A 313 -0.33 20.95 12.84
N PRO A 314 -1.34 20.36 12.18
CA PRO A 314 -2.72 20.87 12.34
C PRO A 314 -3.31 20.75 13.74
N ASN A 315 -2.80 19.89 14.62
CA ASN A 315 -3.30 19.83 15.99
C ASN A 315 -2.42 20.60 16.98
N GLY A 316 -1.33 21.22 16.51
CA GLY A 316 -0.45 21.99 17.35
C GLY A 316 0.65 21.22 18.03
N LYS A 317 0.58 19.89 18.08
CA LYS A 317 1.47 19.11 18.93
C LYS A 317 2.82 18.82 18.29
N TYR A 318 2.92 18.88 16.96
CA TYR A 318 4.14 18.47 16.29
C TYR A 318 4.69 19.60 15.44
N ILE A 319 5.97 19.48 15.12
CA ILE A 319 6.61 20.30 14.11
C ILE A 319 7.19 19.38 13.05
N LEU A 320 6.87 19.64 11.79
CA LEU A 320 7.48 18.95 10.66
C LEU A 320 8.67 19.78 10.20
N ALA A 321 9.82 19.13 10.05
CA ALA A 321 11.08 19.83 9.79
C ALA A 321 11.81 19.17 8.63
N ALA A 322 12.26 19.98 7.68
CA ALA A 322 13.06 19.48 6.57
C ALA A 322 14.52 19.83 6.79
N THR A 323 15.41 18.92 6.39
CA THR A 323 16.84 19.22 6.37
C THR A 323 17.41 18.90 5.00
N LEU A 324 18.47 19.62 4.63
CA LEU A 324 19.06 19.48 3.29
C LEU A 324 19.92 18.24 3.15
N ASP A 325 19.48 17.13 3.72
CA ASP A 325 20.04 15.79 3.54
C ASP A 325 18.94 14.83 3.13
N ASN A 326 18.01 15.31 2.30
CA ASN A 326 16.96 14.48 1.71
C ASN A 326 16.07 13.87 2.79
N THR A 327 15.77 14.63 3.84
CA THR A 327 15.10 14.07 5.00
C THR A 327 14.06 15.04 5.55
N LEU A 328 12.88 14.49 5.87
CA LEU A 328 11.86 15.19 6.64
C LEU A 328 11.67 14.46 7.96
N LYS A 329 11.42 15.22 9.03
CA LYS A 329 11.23 14.62 10.35
C LYS A 329 10.03 15.24 11.05
N LEU A 330 9.24 14.37 11.71
CA LEU A 330 8.12 14.82 12.53
C LEU A 330 8.58 14.82 13.97
N TRP A 331 8.51 15.99 14.61
CA TRP A 331 8.99 16.18 15.97
C TRP A 331 7.82 16.37 16.91
N ASP A 332 7.90 15.76 18.09
CA ASP A 332 7.04 16.11 19.21
C ASP A 332 7.68 17.31 19.87
N TYR A 333 7.07 18.49 19.73
CA TYR A 333 7.70 19.71 20.24
C TYR A 333 7.70 19.74 21.76
N SER A 334 6.60 19.29 22.37
CA SER A 334 6.52 19.26 23.82
C SER A 334 7.59 18.34 24.41
N LYS A 335 7.77 17.17 23.82
CA LYS A 335 8.75 16.20 24.30
C LYS A 335 10.14 16.42 23.72
N GLY A 336 10.25 17.15 22.62
CA GLY A 336 11.55 17.36 22.00
C GLY A 336 12.14 16.14 21.34
N LYS A 337 11.30 15.23 20.84
CA LYS A 337 11.76 13.98 20.26
C LYS A 337 11.25 13.82 18.84
N CYS A 338 12.10 13.26 17.99
CA CYS A 338 11.71 12.90 16.63
C CYS A 338 10.87 11.64 16.65
N LEU A 339 9.68 11.72 16.06
CA LEU A 339 8.72 10.61 16.06
C LEU A 339 8.76 9.80 14.76
N LYS A 340 8.90 10.48 13.62
CA LYS A 340 8.91 9.83 12.31
C LYS A 340 9.95 10.51 11.44
N THR A 341 10.49 9.74 10.50
CA THR A 341 11.41 10.24 9.47
C THR A 341 10.90 9.79 8.11
N TYR A 342 10.92 10.71 7.14
CA TYR A 342 10.44 10.42 5.79
C TYR A 342 11.56 10.68 4.80
N THR A 343 11.85 9.68 3.96
CA THR A 343 12.89 9.78 2.94
C THR A 343 12.36 9.23 1.63
N GLY A 344 13.19 9.36 0.59
CA GLY A 344 12.86 8.91 -0.75
C GLY A 344 12.87 10.03 -1.77
N HIS A 345 12.58 11.25 -1.33
CA HIS A 345 12.63 12.43 -2.18
C HIS A 345 14.07 12.94 -2.28
N LYS A 346 14.26 14.01 -3.04
CA LYS A 346 15.56 14.62 -3.25
C LYS A 346 15.52 16.04 -2.72
N ASN A 347 16.37 16.34 -1.73
CA ASN A 347 16.36 17.68 -1.16
C ASN A 347 17.73 17.96 -0.55
N GLU A 348 18.63 18.49 -1.38
CA GLU A 348 19.97 18.89 -0.95
C GLU A 348 20.29 20.34 -1.27
N LYS A 349 19.44 21.04 -2.03
CA LYS A 349 19.82 22.33 -2.59
C LYS A 349 18.84 23.46 -2.25
N TYR A 350 17.54 23.18 -2.22
CA TYR A 350 16.54 24.22 -2.07
C TYR A 350 15.73 24.03 -0.80
N CYS A 351 15.22 25.13 -0.26
CA CYS A 351 14.19 25.08 0.75
C CYS A 351 12.85 24.78 0.08
N ILE A 352 12.21 23.68 0.47
CA ILE A 352 11.01 23.20 -0.19
C ILE A 352 9.88 23.12 0.82
N PHE A 353 8.73 23.67 0.46
CA PHE A 353 7.58 23.58 1.36
C PHE A 353 7.15 22.14 1.53
N ALA A 354 6.76 21.79 2.76
CA ALA A 354 6.16 20.50 3.05
C ALA A 354 4.84 20.73 3.78
N ASN A 355 3.97 19.72 3.76
CA ASN A 355 2.60 19.91 4.22
C ASN A 355 2.07 18.67 4.94
N PHE A 356 1.12 18.91 5.83
CA PHE A 356 0.23 17.88 6.35
C PHE A 356 -1.04 17.88 5.52
N SER A 357 -1.40 16.74 4.95
CA SER A 357 -2.67 16.56 4.27
C SER A 357 -3.62 15.85 5.23
N VAL A 358 -4.74 16.48 5.56
CA VAL A 358 -5.64 15.98 6.58
C VAL A 358 -7.08 15.80 6.10
N THR A 359 -7.37 16.15 4.84
CA THR A 359 -8.75 16.08 4.38
C THR A 359 -9.19 14.66 4.11
N GLY A 360 -8.27 13.78 3.78
CA GLY A 360 -8.58 12.38 3.57
C GLY A 360 -7.64 11.54 4.40
N GLY A 361 -6.88 10.67 3.76
CA GLY A 361 -5.82 9.98 4.48
C GLY A 361 -4.80 10.95 5.02
N LYS A 362 -4.14 10.57 6.11
CA LYS A 362 -3.24 11.47 6.82
C LYS A 362 -1.85 11.34 6.21
N TRP A 363 -1.51 12.29 5.34
CA TRP A 363 -0.26 12.24 4.59
C TRP A 363 0.67 13.39 4.97
N ILE A 364 1.93 13.17 4.63
CA ILE A 364 2.92 14.24 4.51
C ILE A 364 3.15 14.47 3.01
N VAL A 365 3.20 15.74 2.60
CA VAL A 365 3.33 16.11 1.19
C VAL A 365 4.52 17.03 1.04
N SER A 366 5.34 16.80 0.02
CA SER A 366 6.51 17.64 -0.19
C SER A 366 6.89 17.65 -1.65
N GLY A 367 7.43 18.78 -2.09
CA GLY A 367 8.12 18.83 -3.37
C GLY A 367 9.45 18.10 -3.29
N SER A 368 10.18 18.17 -4.40
CA SER A 368 11.40 17.38 -4.52
C SER A 368 12.20 17.90 -5.71
N GLU A 369 13.52 17.70 -5.63
CA GLU A 369 14.42 18.17 -6.67
C GLU A 369 14.49 17.23 -7.86
N ASP A 370 13.80 16.09 -7.81
CA ASP A 370 13.65 15.24 -8.97
C ASP A 370 12.34 15.49 -9.70
N ASN A 371 11.74 16.66 -9.46
CA ASN A 371 10.58 17.18 -10.16
C ASN A 371 9.27 16.47 -9.81
N LEU A 372 9.23 15.73 -8.71
CA LEU A 372 8.05 15.01 -8.30
C LEU A 372 7.45 15.60 -7.03
N VAL A 373 6.15 15.41 -6.86
CA VAL A 373 5.49 15.59 -5.57
C VAL A 373 5.50 14.26 -4.84
N TYR A 374 6.01 14.24 -3.61
CA TYR A 374 6.03 13.03 -2.79
C TYR A 374 4.93 13.07 -1.74
N ILE A 375 4.26 11.95 -1.56
CA ILE A 375 3.19 11.77 -0.58
C ILE A 375 3.51 10.54 0.25
N TRP A 376 3.69 10.73 1.55
CA TRP A 376 3.97 9.64 2.49
C TRP A 376 2.79 9.42 3.42
N ASN A 377 2.61 8.17 3.85
CA ASN A 377 1.76 7.88 5.00
C ASN A 377 2.42 8.40 6.27
N LEU A 378 1.72 9.26 7.02
CA LEU A 378 2.33 9.91 8.17
C LEU A 378 2.78 8.88 9.21
N GLN A 379 1.95 7.87 9.45
CA GLN A 379 2.24 6.92 10.52
C GLN A 379 3.28 5.89 10.09
N THR A 380 3.11 5.29 8.90
CA THR A 380 4.00 4.20 8.49
C THR A 380 5.26 4.69 7.81
N LYS A 381 5.28 5.93 7.34
CA LYS A 381 6.39 6.56 6.62
C LYS A 381 6.57 5.99 5.22
N GLU A 382 5.66 5.14 4.76
CA GLU A 382 5.72 4.61 3.41
C GLU A 382 5.32 5.69 2.40
N ILE A 383 6.06 5.77 1.30
CA ILE A 383 5.61 6.57 0.16
C ILE A 383 4.37 5.94 -0.43
N VAL A 384 3.29 6.72 -0.56
CA VAL A 384 2.05 6.20 -1.10
C VAL A 384 1.74 6.77 -2.50
N GLN A 385 2.36 7.86 -2.92
CA GLN A 385 2.18 8.32 -4.28
C GLN A 385 3.31 9.28 -4.63
N LYS A 386 3.66 9.28 -5.91
CA LYS A 386 4.58 10.25 -6.49
C LYS A 386 3.87 10.87 -7.69
N LEU A 387 3.74 12.18 -7.71
CA LEU A 387 3.00 12.87 -8.77
C LEU A 387 3.97 13.39 -9.82
N GLN A 388 3.83 12.88 -11.05
CA GLN A 388 4.70 13.20 -12.17
C GLN A 388 4.03 14.19 -13.11
N GLY A 389 4.80 15.18 -13.56
CA GLY A 389 4.27 16.14 -14.52
C GLY A 389 5.14 17.37 -14.65
N HIS A 390 5.67 17.86 -13.52
CA HIS A 390 6.55 19.01 -13.58
C HIS A 390 7.86 18.67 -14.26
N THR A 391 8.47 19.69 -14.86
CA THR A 391 9.73 19.53 -15.57
C THR A 391 10.86 20.33 -14.93
N ASP A 392 10.73 20.63 -13.64
CA ASP A 392 11.78 21.26 -12.86
C ASP A 392 11.48 20.97 -11.39
N VAL A 393 12.38 21.43 -10.52
CA VAL A 393 12.24 21.23 -9.08
C VAL A 393 10.88 21.71 -8.61
N VAL A 394 10.17 20.86 -7.88
CA VAL A 394 8.89 21.24 -7.28
C VAL A 394 9.22 21.94 -5.97
N ILE A 395 9.21 23.27 -6.01
CA ILE A 395 9.66 24.07 -4.87
C ILE A 395 8.57 24.23 -3.83
N SER A 396 7.31 24.07 -4.21
CA SER A 396 6.22 24.38 -3.30
C SER A 396 5.05 23.44 -3.56
N THR A 397 4.40 23.02 -2.48
CA THR A 397 3.16 22.26 -2.52
C THR A 397 2.23 22.85 -1.46
N ALA A 398 0.92 22.62 -1.64
CA ALA A 398 -0.09 23.08 -0.71
C ALA A 398 -1.28 22.16 -0.77
N CYS A 399 -1.94 21.99 0.36
CA CYS A 399 -3.09 21.11 0.47
C CYS A 399 -4.35 21.94 0.73
N HIS A 400 -5.41 21.64 -0.03
CA HIS A 400 -6.66 22.36 0.10
C HIS A 400 -7.26 22.14 1.49
N PRO A 401 -7.91 23.14 2.08
CA PRO A 401 -8.35 23.00 3.47
C PRO A 401 -9.51 22.05 3.68
N THR A 402 -10.30 21.75 2.65
CA THR A 402 -11.46 20.87 2.89
C THR A 402 -11.61 19.74 1.87
N GLU A 403 -11.09 19.93 0.66
CA GLU A 403 -11.14 18.92 -0.38
C GLU A 403 -9.77 18.28 -0.58
N ASN A 404 -9.78 17.09 -1.18
CA ASN A 404 -8.55 16.34 -1.45
C ASN A 404 -7.95 16.89 -2.75
N ILE A 405 -7.29 18.04 -2.61
CA ILE A 405 -6.71 18.77 -3.73
C ILE A 405 -5.34 19.25 -3.33
N ILE A 406 -4.35 19.03 -4.18
CA ILE A 406 -2.99 19.50 -3.98
C ILE A 406 -2.66 20.49 -5.08
N ALA A 407 -1.99 21.59 -4.71
CA ALA A 407 -1.33 22.48 -5.67
C ALA A 407 0.18 22.29 -5.59
N SER A 408 0.85 22.36 -6.74
CA SER A 408 2.30 22.25 -6.75
C SER A 408 2.87 23.25 -7.75
N ALA A 409 4.10 23.69 -7.51
CA ALA A 409 4.68 24.70 -8.39
C ALA A 409 6.16 24.43 -8.56
N ALA A 410 6.69 24.79 -9.73
CA ALA A 410 8.05 24.37 -10.07
C ALA A 410 8.89 25.54 -10.57
N LEU A 411 10.20 25.29 -10.67
CA LEU A 411 11.17 26.33 -10.99
C LEU A 411 11.22 26.67 -12.48
N GLU A 412 12.29 27.34 -12.90
CA GLU A 412 12.26 28.17 -14.11
C GLU A 412 12.05 27.38 -15.40
N ASN A 413 12.46 26.10 -15.45
CA ASN A 413 12.23 25.34 -16.67
C ASN A 413 10.75 25.06 -16.91
N ASP A 414 9.94 25.23 -15.86
CA ASP A 414 8.54 24.81 -15.83
C ASP A 414 7.61 26.00 -15.69
N LYS A 415 7.73 26.73 -14.58
CA LYS A 415 7.03 27.97 -14.31
C LYS A 415 5.52 27.80 -14.23
N THR A 416 5.03 26.57 -14.10
CA THR A 416 3.58 26.35 -14.01
C THR A 416 3.21 25.84 -12.63
N ILE A 417 1.97 26.07 -12.29
CA ILE A 417 1.33 25.51 -11.11
C ILE A 417 0.43 24.39 -11.59
N LYS A 418 0.42 23.30 -10.85
CA LYS A 418 -0.44 22.18 -11.20
C LYS A 418 -1.38 21.86 -10.06
N LEU A 419 -2.62 21.57 -10.41
CA LEU A 419 -3.68 21.24 -9.47
C LEU A 419 -4.02 19.77 -9.66
N TRP A 420 -3.93 19.01 -8.58
CA TRP A 420 -4.13 17.56 -8.59
C TRP A 420 -5.29 17.24 -7.67
N LYS A 421 -6.16 16.32 -8.10
CA LYS A 421 -7.30 15.92 -7.27
C LYS A 421 -7.32 14.42 -7.06
N SER A 422 -7.72 14.03 -5.85
CA SER A 422 -7.79 12.64 -5.43
C SER A 422 -9.21 12.32 -4.99
N ASP A 423 -9.62 11.08 -5.23
CA ASP A 423 -10.92 10.62 -4.76
C ASP A 423 -10.94 10.33 -3.26
N CYS A 424 -9.77 10.26 -2.62
CA CYS A 424 -9.70 9.98 -1.19
C CYS A 424 -8.49 10.64 -0.53
N PRO B 123 15.45 -34.32 -14.34
CA PRO B 123 14.80 -33.27 -15.13
C PRO B 123 15.02 -33.46 -16.63
N ASN B 124 14.23 -32.78 -17.45
CA ASN B 124 14.39 -32.87 -18.90
C ASN B 124 14.39 -31.48 -19.51
N TYR B 125 15.23 -30.59 -18.97
CA TYR B 125 15.34 -29.24 -19.53
C TYR B 125 15.67 -29.32 -21.01
N ALA B 126 14.87 -28.60 -21.80
CA ALA B 126 15.00 -28.57 -23.24
C ALA B 126 14.99 -27.12 -23.71
N LEU B 127 15.76 -26.83 -24.75
CA LEU B 127 15.86 -25.47 -25.24
C LEU B 127 14.53 -25.04 -25.86
N LYS B 128 13.99 -23.92 -25.39
CA LYS B 128 12.77 -23.36 -25.97
C LYS B 128 13.02 -22.06 -26.73
N PHE B 129 13.93 -21.20 -26.25
CA PHE B 129 14.09 -19.90 -26.87
C PHE B 129 15.55 -19.48 -26.75
N THR B 130 16.02 -18.78 -27.78
CA THR B 130 17.33 -18.16 -27.76
C THR B 130 17.14 -16.66 -27.94
N LEU B 131 17.72 -15.90 -27.02
CA LEU B 131 17.48 -14.46 -26.93
C LEU B 131 18.72 -13.76 -27.45
N ALA B 132 18.61 -13.14 -28.63
CA ALA B 132 19.72 -12.44 -29.24
C ALA B 132 19.52 -10.93 -29.16
N GLY B 133 20.63 -10.20 -29.15
CA GLY B 133 20.58 -8.75 -29.16
C GLY B 133 21.80 -8.11 -28.55
N HIS B 134 22.36 -8.70 -27.51
CA HIS B 134 23.60 -8.14 -26.97
C HIS B 134 24.70 -8.25 -28.00
N THR B 135 25.56 -7.24 -28.03
CA THR B 135 26.62 -7.15 -29.04
C THR B 135 27.99 -7.49 -28.49
N LYS B 136 28.08 -7.77 -27.18
CA LYS B 136 29.28 -8.28 -26.53
C LYS B 136 28.83 -9.39 -25.57
N ALA B 137 29.80 -10.01 -24.89
CA ALA B 137 29.50 -11.07 -23.93
C ALA B 137 28.39 -10.65 -22.96
N VAL B 138 27.51 -11.61 -22.64
CA VAL B 138 26.49 -11.41 -21.63
C VAL B 138 27.08 -11.77 -20.27
N SER B 139 26.92 -10.88 -19.30
CA SER B 139 27.59 -11.07 -18.01
C SER B 139 26.71 -11.69 -16.94
N SER B 140 25.39 -11.44 -16.95
CA SER B 140 24.53 -11.95 -15.88
CA SER B 140 24.53 -11.93 -15.88
C SER B 140 23.09 -11.93 -16.34
N VAL B 141 22.34 -12.97 -15.99
CA VAL B 141 20.90 -13.01 -16.19
C VAL B 141 20.23 -13.27 -14.83
N LYS B 142 19.07 -12.65 -14.63
CA LYS B 142 18.34 -12.80 -13.36
C LYS B 142 16.83 -12.73 -13.63
N PHE B 143 16.09 -13.64 -13.03
CA PHE B 143 14.63 -13.59 -13.12
C PHE B 143 14.05 -12.63 -12.08
N SER B 144 13.07 -11.85 -12.50
CA SER B 144 12.36 -11.00 -11.56
C SER B 144 11.61 -11.89 -10.55
N PRO B 145 11.46 -11.41 -9.31
CA PRO B 145 10.77 -12.21 -8.30
C PRO B 145 9.32 -12.52 -8.63
N ASN B 146 8.65 -11.68 -9.43
CA ASN B 146 7.25 -11.96 -9.76
C ASN B 146 7.10 -12.91 -10.93
N GLY B 147 8.21 -13.45 -11.43
CA GLY B 147 8.17 -14.46 -12.46
C GLY B 147 8.02 -13.95 -13.88
N GLU B 148 7.84 -12.65 -14.09
CA GLU B 148 7.40 -12.14 -15.38
C GLU B 148 8.54 -11.82 -16.33
N TRP B 149 9.72 -11.47 -15.81
CA TRP B 149 10.79 -10.91 -16.64
C TRP B 149 12.12 -11.58 -16.37
N LEU B 150 12.97 -11.53 -17.39
CA LEU B 150 14.40 -11.83 -17.26
C LEU B 150 15.17 -10.55 -17.57
N ALA B 151 16.11 -10.20 -16.70
CA ALA B 151 17.01 -9.10 -16.96
C ALA B 151 18.38 -9.65 -17.33
N SER B 152 19.03 -9.04 -18.31
CA SER B 152 20.38 -9.42 -18.67
C SER B 152 21.29 -8.21 -18.66
N SER B 153 22.55 -8.42 -18.32
CA SER B 153 23.56 -7.37 -18.41
C SER B 153 24.68 -7.85 -19.33
N SER B 154 25.48 -6.91 -19.81
CA SER B 154 26.44 -7.26 -20.86
C SER B 154 27.63 -6.32 -20.82
N ALA B 155 28.76 -6.84 -21.34
CA ALA B 155 29.91 -6.01 -21.60
C ALA B 155 29.60 -4.89 -22.59
N ASP B 156 28.49 -4.99 -23.32
CA ASP B 156 28.10 -3.94 -24.26
C ASP B 156 27.45 -2.74 -23.59
N LYS B 157 27.50 -2.62 -22.26
CA LYS B 157 27.04 -1.47 -21.47
C LYS B 157 25.52 -1.44 -21.31
N LEU B 158 24.79 -2.44 -21.79
CA LEU B 158 23.34 -2.43 -21.81
C LEU B 158 22.77 -3.45 -20.86
N ILE B 159 21.60 -3.13 -20.33
CA ILE B 159 20.67 -4.08 -19.72
C ILE B 159 19.56 -4.33 -20.71
N LYS B 160 19.13 -5.59 -20.85
CA LYS B 160 17.96 -5.88 -21.64
C LYS B 160 16.95 -6.63 -20.79
N ILE B 161 15.67 -6.37 -21.05
CA ILE B 161 14.57 -7.02 -20.35
C ILE B 161 13.85 -7.93 -21.33
N TRP B 162 13.59 -9.17 -20.91
CA TRP B 162 12.97 -10.17 -21.76
C TRP B 162 11.82 -10.82 -21.00
N GLY B 163 10.81 -11.29 -21.75
CA GLY B 163 9.76 -12.06 -21.12
C GLY B 163 10.32 -13.34 -20.54
N ALA B 164 9.96 -13.66 -19.29
CA ALA B 164 10.57 -14.82 -18.62
C ALA B 164 10.04 -16.13 -19.16
N TYR B 165 8.88 -16.14 -19.81
CA TYR B 165 8.26 -17.37 -20.29
C TYR B 165 8.45 -17.61 -21.78
N ASP B 166 8.53 -16.57 -22.60
CA ASP B 166 8.69 -16.75 -24.04
C ASP B 166 9.95 -16.10 -24.58
N GLY B 167 10.76 -15.49 -23.72
CA GLY B 167 11.96 -14.81 -24.17
C GLY B 167 11.74 -13.57 -25.01
N LYS B 168 10.53 -13.00 -25.02
CA LYS B 168 10.27 -11.90 -25.94
C LYS B 168 11.01 -10.64 -25.51
N PHE B 169 11.77 -10.05 -26.44
CA PHE B 169 12.43 -8.80 -26.13
C PHE B 169 11.42 -7.76 -25.68
N GLU B 170 11.71 -7.10 -24.56
CA GLU B 170 10.84 -6.06 -24.02
C GLU B 170 11.44 -4.67 -24.16
N LYS B 171 12.64 -4.44 -23.61
CA LYS B 171 13.28 -3.14 -23.75
C LYS B 171 14.78 -3.24 -23.49
N THR B 172 15.48 -2.19 -23.88
CA THR B 172 16.87 -1.98 -23.53
C THR B 172 16.97 -0.80 -22.56
N ILE B 173 17.83 -0.94 -21.56
CA ILE B 173 18.05 0.07 -20.53
C ILE B 173 19.52 0.47 -20.58
N SER B 174 19.78 1.76 -20.80
CA SER B 174 21.12 2.23 -21.09
C SER B 174 21.47 3.45 -20.25
N GLY B 175 22.76 3.65 -20.05
CA GLY B 175 23.24 4.78 -19.29
C GLY B 175 24.64 4.57 -18.71
N HIS B 176 25.01 3.34 -18.42
CA HIS B 176 26.37 3.11 -17.95
C HIS B 176 27.37 3.43 -19.05
N LYS B 177 28.51 3.98 -18.66
CA LYS B 177 29.54 4.41 -19.59
C LYS B 177 30.52 3.31 -19.97
N LEU B 178 30.54 2.22 -19.21
CA LEU B 178 31.39 1.07 -19.49
C LEU B 178 30.56 -0.18 -19.27
N GLY B 179 31.18 -1.35 -19.43
CA GLY B 179 30.43 -2.58 -19.36
C GLY B 179 29.84 -2.84 -17.99
N ILE B 180 28.86 -3.74 -17.95
CA ILE B 180 28.12 -4.10 -16.74
C ILE B 180 28.42 -5.55 -16.39
N SER B 181 28.82 -5.80 -15.14
CA SER B 181 29.10 -7.16 -14.72
C SER B 181 27.89 -7.87 -14.14
N ASP B 182 26.95 -7.14 -13.54
CA ASP B 182 25.91 -7.81 -12.75
C ASP B 182 24.67 -6.92 -12.71
N VAL B 183 23.51 -7.57 -12.55
CA VAL B 183 22.25 -6.87 -12.30
C VAL B 183 21.47 -7.65 -11.24
N ALA B 184 20.63 -6.95 -10.50
CA ALA B 184 19.85 -7.59 -9.44
C ALA B 184 18.49 -6.90 -9.32
N TRP B 185 17.46 -7.68 -8.99
CA TRP B 185 16.09 -7.17 -8.87
C TRP B 185 15.71 -6.82 -7.44
N SER B 186 14.88 -5.79 -7.29
CA SER B 186 14.24 -5.57 -5.99
C SER B 186 13.16 -6.62 -5.76
N SER B 187 12.76 -6.74 -4.49
CA SER B 187 11.81 -7.80 -4.13
C SER B 187 10.46 -7.62 -4.80
N ASP B 188 10.04 -6.38 -5.06
CA ASP B 188 8.75 -6.15 -5.69
C ASP B 188 8.82 -6.13 -7.22
N SER B 189 9.98 -6.46 -7.79
CA SER B 189 10.23 -6.54 -9.23
C SER B 189 10.18 -5.19 -9.93
N ASN B 190 10.14 -4.07 -9.19
CA ASN B 190 10.00 -2.78 -9.83
C ASN B 190 11.33 -2.12 -10.15
N LEU B 191 12.39 -2.46 -9.40
CA LEU B 191 13.70 -1.84 -9.54
C LEU B 191 14.74 -2.86 -9.93
N LEU B 192 15.76 -2.39 -10.64
CA LEU B 192 16.98 -3.13 -10.92
C LEU B 192 18.16 -2.32 -10.43
N VAL B 193 19.18 -3.01 -9.93
CA VAL B 193 20.47 -2.37 -9.70
C VAL B 193 21.49 -3.05 -10.60
N SER B 194 22.42 -2.27 -11.13
CA SER B 194 23.46 -2.76 -12.03
C SER B 194 24.81 -2.37 -11.47
N ALA B 195 25.81 -3.20 -11.74
CA ALA B 195 27.18 -3.00 -11.28
C ALA B 195 28.09 -2.89 -12.49
N SER B 196 28.86 -1.81 -12.59
CA SER B 196 29.55 -1.48 -13.84
C SER B 196 31.04 -1.22 -13.63
N ASP B 197 31.80 -1.42 -14.71
CA ASP B 197 33.21 -1.04 -14.74
C ASP B 197 33.42 0.47 -14.67
N ASP B 198 32.38 1.28 -14.87
CA ASP B 198 32.50 2.72 -14.68
C ASP B 198 32.57 3.12 -13.20
N LYS B 199 32.68 2.14 -12.29
CA LYS B 199 32.88 2.28 -10.84
C LYS B 199 31.61 2.68 -10.11
N THR B 200 30.46 2.64 -10.77
CA THR B 200 29.19 2.99 -10.14
C THR B 200 28.24 1.81 -10.21
N LEU B 201 27.21 1.89 -9.37
CA LEU B 201 25.99 1.12 -9.56
C LEU B 201 24.90 2.10 -9.95
N LYS B 202 23.92 1.62 -10.72
CA LYS B 202 22.76 2.43 -11.05
C LYS B 202 21.50 1.70 -10.63
N ILE B 203 20.59 2.43 -9.99
CA ILE B 203 19.26 1.95 -9.65
C ILE B 203 18.32 2.36 -10.77
N TRP B 204 17.55 1.42 -11.30
CA TRP B 204 16.71 1.67 -12.45
C TRP B 204 15.24 1.38 -12.11
N ASP B 205 14.35 2.25 -12.59
CA ASP B 205 12.93 1.91 -12.64
C ASP B 205 12.70 1.11 -13.91
N VAL B 206 12.30 -0.16 -13.76
CA VAL B 206 12.23 -1.03 -14.93
C VAL B 206 11.11 -0.59 -15.87
N SER B 207 9.98 -0.15 -15.32
CA SER B 207 8.85 0.24 -16.16
C SER B 207 9.19 1.43 -17.04
N SER B 208 9.95 2.40 -16.53
CA SER B 208 10.29 3.57 -17.31
C SER B 208 11.63 3.44 -18.02
N GLY B 209 12.48 2.51 -17.59
CA GLY B 209 13.85 2.45 -18.08
C GLY B 209 14.74 3.56 -17.59
N LYS B 210 14.27 4.41 -16.68
CA LYS B 210 15.04 5.56 -16.23
C LYS B 210 15.95 5.20 -15.06
N CYS B 211 17.12 5.83 -15.05
CA CYS B 211 18.04 5.72 -13.92
C CYS B 211 17.58 6.64 -12.80
N LEU B 212 17.26 6.04 -11.65
CA LEU B 212 16.79 6.81 -10.50
C LEU B 212 17.95 7.36 -9.70
N LYS B 213 18.99 6.56 -9.50
CA LYS B 213 20.11 6.92 -8.65
C LYS B 213 21.37 6.32 -9.22
N THR B 214 22.48 7.04 -9.08
CA THR B 214 23.79 6.49 -9.37
C THR B 214 24.57 6.42 -8.06
N LEU B 215 25.07 5.22 -7.76
CA LEU B 215 25.72 4.94 -6.49
C LEU B 215 27.22 5.09 -6.67
N LYS B 216 27.77 6.16 -6.11
CA LYS B 216 29.17 6.51 -6.29
C LYS B 216 29.95 6.28 -5.00
N GLY B 217 31.13 5.70 -5.14
CA GLY B 217 32.00 5.48 -3.99
C GLY B 217 33.09 4.47 -4.23
N HIS B 218 32.80 3.40 -4.97
CA HIS B 218 33.86 2.47 -5.29
C HIS B 218 34.94 3.14 -6.13
N SER B 219 36.17 2.69 -5.94
CA SER B 219 37.33 3.22 -6.65
C SER B 219 37.83 2.30 -7.75
N ASN B 220 37.14 1.20 -8.02
CA ASN B 220 37.48 0.31 -9.11
C ASN B 220 36.16 -0.29 -9.60
N TYR B 221 36.25 -1.17 -10.60
CA TYR B 221 35.06 -1.79 -11.17
C TYR B 221 34.18 -2.34 -10.07
N VAL B 222 32.86 -2.16 -10.21
CA VAL B 222 31.89 -2.85 -9.35
C VAL B 222 31.52 -4.14 -10.04
N PHE B 223 31.70 -5.27 -9.35
CA PHE B 223 31.56 -6.59 -9.97
C PHE B 223 30.26 -7.29 -9.63
N CYS B 224 29.70 -7.05 -8.45
CA CYS B 224 28.56 -7.85 -8.02
C CYS B 224 27.65 -7.00 -7.17
N CYS B 225 26.37 -7.36 -7.14
CA CYS B 225 25.40 -6.53 -6.44
C CYS B 225 24.15 -7.34 -6.13
N ASN B 226 23.41 -6.89 -5.12
CA ASN B 226 22.16 -7.54 -4.71
C ASN B 226 21.37 -6.59 -3.81
N PHE B 227 20.05 -6.64 -3.92
CA PHE B 227 19.16 -6.04 -2.93
C PHE B 227 19.03 -6.94 -1.71
N ASN B 228 18.72 -6.34 -0.55
CA ASN B 228 18.26 -7.17 0.55
C ASN B 228 16.77 -7.47 0.35
N PRO B 229 16.23 -8.45 1.08
CA PRO B 229 14.83 -8.81 0.87
C PRO B 229 13.86 -7.66 1.13
N GLN B 230 14.10 -6.85 2.17
CA GLN B 230 13.30 -5.65 2.38
C GLN B 230 13.42 -4.70 1.18
N SER B 231 14.58 -4.72 0.52
CA SER B 231 14.91 -3.92 -0.67
C SER B 231 15.04 -2.44 -0.36
N ASN B 232 15.31 -2.10 0.90
CA ASN B 232 15.75 -0.77 1.26
C ASN B 232 17.25 -0.61 1.18
N LEU B 233 18.00 -1.71 1.02
CA LEU B 233 19.45 -1.69 0.94
C LEU B 233 19.94 -2.41 -0.31
N ILE B 234 21.09 -1.98 -0.80
CA ILE B 234 21.84 -2.68 -1.85
C ILE B 234 23.22 -2.98 -1.30
N VAL B 235 23.75 -4.16 -1.60
CA VAL B 235 25.12 -4.50 -1.26
C VAL B 235 25.90 -4.67 -2.57
N SER B 236 27.15 -4.23 -2.56
CA SER B 236 27.98 -4.30 -3.75
C SER B 236 29.36 -4.81 -3.38
N GLY B 237 30.02 -5.44 -4.34
CA GLY B 237 31.40 -5.83 -4.18
C GLY B 237 32.19 -5.39 -5.39
N SER B 238 33.47 -5.08 -5.15
CA SER B 238 34.23 -4.36 -6.16
C SER B 238 35.66 -4.90 -6.26
N PHE B 239 36.28 -4.60 -7.40
CA PHE B 239 37.71 -4.84 -7.56
C PHE B 239 38.54 -4.00 -6.61
N ASP B 240 37.94 -3.00 -5.95
CA ASP B 240 38.69 -2.23 -4.96
C ASP B 240 38.78 -2.94 -3.62
N GLU B 241 38.30 -4.18 -3.55
CA GLU B 241 38.41 -5.11 -2.42
C GLU B 241 37.46 -4.77 -1.28
N SER B 242 36.53 -3.85 -1.47
CA SER B 242 35.56 -3.48 -0.44
C SER B 242 34.19 -4.04 -0.78
N VAL B 243 33.36 -4.15 0.25
CA VAL B 243 31.93 -4.40 0.13
C VAL B 243 31.22 -3.15 0.65
N ARG B 244 30.28 -2.62 -0.12
CA ARG B 244 29.56 -1.43 0.31
C ARG B 244 28.08 -1.72 0.47
N ILE B 245 27.49 -1.06 1.46
CA ILE B 245 26.06 -1.15 1.76
C ILE B 245 25.44 0.22 1.51
N TRP B 246 24.43 0.26 0.65
CA TRP B 246 23.87 1.50 0.17
C TRP B 246 22.40 1.61 0.53
N ASP B 247 21.97 2.84 0.81
CA ASP B 247 20.57 3.12 1.04
C ASP B 247 19.88 3.37 -0.30
N VAL B 248 18.82 2.62 -0.56
CA VAL B 248 18.17 2.67 -1.87
C VAL B 248 17.44 4.00 -2.06
N LYS B 249 16.78 4.48 -1.01
CA LYS B 249 15.98 5.69 -1.13
C LYS B 249 16.85 6.93 -1.34
N THR B 250 17.97 7.03 -0.64
CA THR B 250 18.82 8.20 -0.78
C THR B 250 19.98 7.99 -1.74
N GLY B 251 20.31 6.74 -2.07
CA GLY B 251 21.42 6.50 -2.96
C GLY B 251 22.77 6.79 -2.35
N LYS B 252 22.84 6.93 -1.03
CA LYS B 252 24.09 7.19 -0.33
C LYS B 252 24.69 5.89 0.19
N CYS B 253 26.01 5.87 0.31
CA CYS B 253 26.70 4.72 0.90
C CYS B 253 26.60 4.82 2.42
N LEU B 254 26.03 3.78 3.05
CA LEU B 254 25.94 3.73 4.50
C LEU B 254 27.20 3.18 5.15
N LYS B 255 27.78 2.12 4.58
CA LYS B 255 28.94 1.48 5.17
C LYS B 255 29.89 1.04 4.07
N THR B 256 31.20 1.12 4.34
CA THR B 256 32.22 0.51 3.50
C THR B 256 32.97 -0.53 4.32
N LEU B 257 32.88 -1.79 3.90
CA LEU B 257 33.54 -2.87 4.62
C LEU B 257 34.87 -3.17 3.97
N PRO B 258 36.00 -3.14 4.70
CA PRO B 258 37.27 -3.60 4.12
C PRO B 258 37.31 -5.11 4.11
N ALA B 259 36.51 -5.70 3.22
CA ALA B 259 36.08 -7.07 3.38
C ALA B 259 37.19 -8.05 3.01
N HIS B 260 38.00 -7.71 2.02
CA HIS B 260 38.88 -8.69 1.38
C HIS B 260 40.18 -8.02 0.97
N SER B 261 41.17 -8.84 0.59
CA SER B 261 42.46 -8.32 0.15
C SER B 261 42.69 -8.60 -1.33
N ASP B 262 41.61 -8.85 -2.06
CA ASP B 262 41.58 -9.05 -3.51
C ASP B 262 40.18 -8.72 -3.97
N PRO B 263 39.93 -8.67 -5.29
CA PRO B 263 38.58 -8.33 -5.76
C PRO B 263 37.51 -9.22 -5.14
N VAL B 264 36.35 -8.61 -4.89
CA VAL B 264 35.20 -9.28 -4.30
C VAL B 264 34.41 -9.95 -5.41
N SER B 265 34.29 -11.28 -5.35
CA SER B 265 33.68 -12.03 -6.43
C SER B 265 32.17 -12.19 -6.29
N ALA B 266 31.62 -12.03 -5.08
CA ALA B 266 30.17 -12.18 -4.89
C ALA B 266 29.76 -11.58 -3.55
N VAL B 267 28.52 -11.07 -3.50
CA VAL B 267 27.86 -10.58 -2.29
C VAL B 267 26.39 -11.01 -2.32
N HIS B 268 25.86 -11.43 -1.18
CA HIS B 268 24.49 -11.91 -1.14
C HIS B 268 23.94 -11.77 0.27
N PHE B 269 22.71 -11.25 0.39
CA PHE B 269 22.01 -11.18 1.67
C PHE B 269 21.31 -12.50 1.98
N ASN B 270 21.14 -12.78 3.27
CA ASN B 270 20.32 -13.91 3.69
C ASN B 270 18.85 -13.48 3.66
N ARG B 271 17.96 -14.36 4.17
CA ARG B 271 16.52 -14.20 3.92
C ARG B 271 15.92 -13.01 4.65
N ASP B 272 16.50 -12.55 5.75
CA ASP B 272 15.97 -11.37 6.44
C ASP B 272 16.91 -10.19 6.35
N GLY B 273 17.90 -10.26 5.45
CA GLY B 273 18.83 -9.16 5.26
C GLY B 273 19.76 -8.91 6.43
N SER B 274 19.77 -9.77 7.44
CA SER B 274 20.62 -9.50 8.60
C SER B 274 22.07 -9.88 8.36
N LEU B 275 22.33 -10.77 7.38
CA LEU B 275 23.68 -11.22 7.07
C LEU B 275 23.99 -10.97 5.61
N ILE B 276 25.29 -10.78 5.35
CA ILE B 276 25.84 -10.70 4.01
C ILE B 276 26.94 -11.75 3.92
N VAL B 277 26.91 -12.56 2.89
CA VAL B 277 28.06 -13.41 2.61
C VAL B 277 28.83 -12.80 1.45
N SER B 278 30.16 -12.82 1.57
CA SER B 278 31.04 -12.29 0.53
C SER B 278 32.15 -13.29 0.25
N SER B 279 32.65 -13.25 -0.98
CA SER B 279 33.72 -14.13 -1.42
C SER B 279 34.73 -13.33 -2.21
N SER B 280 35.95 -13.85 -2.30
CA SER B 280 36.99 -13.09 -2.97
C SER B 280 38.06 -13.99 -3.54
N TYR B 281 38.80 -13.44 -4.50
CA TYR B 281 40.00 -14.05 -5.03
C TYR B 281 41.08 -14.24 -3.97
N ASP B 282 40.95 -13.57 -2.81
CA ASP B 282 41.87 -13.81 -1.69
C ASP B 282 41.68 -15.18 -1.07
N GLY B 283 40.67 -15.93 -1.50
CA GLY B 283 40.43 -17.28 -1.03
C GLY B 283 39.49 -17.39 0.14
N LEU B 284 38.90 -16.29 0.59
CA LEU B 284 38.08 -16.28 1.78
C LEU B 284 36.61 -16.15 1.45
N CYS B 285 35.79 -16.74 2.31
CA CYS B 285 34.36 -16.47 2.35
CA CYS B 285 34.36 -16.49 2.37
C CYS B 285 34.06 -15.90 3.74
N ARG B 286 33.45 -14.72 3.77
CA ARG B 286 33.17 -14.05 5.03
C ARG B 286 31.68 -13.75 5.15
N ILE B 287 31.19 -13.83 6.38
CA ILE B 287 29.80 -13.53 6.69
C ILE B 287 29.77 -12.32 7.61
N TRP B 288 28.96 -11.33 7.23
CA TRP B 288 28.99 -9.97 7.78
C TRP B 288 27.65 -9.64 8.41
N ASP B 289 27.70 -8.98 9.57
CA ASP B 289 26.48 -8.47 10.21
C ASP B 289 26.06 -7.18 9.49
N THR B 290 24.90 -7.20 8.85
CA THR B 290 24.49 -6.06 8.03
C THR B 290 24.39 -4.78 8.87
N ALA B 291 23.80 -4.88 10.06
CA ALA B 291 23.47 -3.67 10.81
C ALA B 291 24.72 -2.97 11.34
N SER B 292 25.76 -3.72 11.70
CA SER B 292 27.00 -3.14 12.21
C SER B 292 28.12 -3.08 11.17
N GLY B 293 28.06 -3.94 10.16
CA GLY B 293 29.17 -4.09 9.22
C GLY B 293 30.32 -4.91 9.74
N GLN B 294 30.22 -5.48 10.93
CA GLN B 294 31.32 -6.26 11.49
C GLN B 294 31.23 -7.71 11.04
N CYS B 295 32.39 -8.35 10.92
CA CYS B 295 32.46 -9.73 10.47
C CYS B 295 32.01 -10.68 11.58
N LEU B 296 31.13 -11.61 11.22
CA LEU B 296 30.69 -12.63 12.16
C LEU B 296 31.53 -13.90 12.05
N LYS B 297 31.93 -14.27 10.84
CA LYS B 297 32.69 -15.50 10.64
C LYS B 297 33.44 -15.44 9.32
N THR B 298 34.61 -16.09 9.31
CA THR B 298 35.34 -16.31 8.07
C THR B 298 35.28 -17.79 7.71
N PRO B 305 43.07 -21.17 -3.08
CA PRO B 305 42.19 -21.18 -4.25
C PRO B 305 41.14 -20.07 -4.18
N PRO B 306 41.05 -19.23 -5.21
CA PRO B 306 40.05 -18.15 -5.20
C PRO B 306 38.65 -18.71 -5.01
N VAL B 307 37.87 -18.07 -4.15
CA VAL B 307 36.45 -18.37 -4.06
C VAL B 307 35.75 -17.45 -5.05
N SER B 308 35.14 -18.05 -6.08
CA SER B 308 34.66 -17.31 -7.24
C SER B 308 33.18 -16.97 -7.17
N PHE B 309 32.41 -17.56 -6.25
CA PHE B 309 30.99 -17.25 -6.15
C PHE B 309 30.46 -17.83 -4.87
N VAL B 310 29.57 -17.09 -4.20
CA VAL B 310 28.85 -17.58 -3.03
C VAL B 310 27.42 -17.08 -3.06
N LYS B 311 26.52 -17.87 -2.47
CA LYS B 311 25.17 -17.37 -2.18
C LYS B 311 24.52 -18.25 -1.12
N PHE B 312 23.64 -17.63 -0.34
CA PHE B 312 22.82 -18.38 0.61
C PHE B 312 21.80 -19.25 -0.11
N SER B 313 21.41 -20.34 0.56
CA SER B 313 20.39 -21.25 0.09
C SER B 313 19.00 -20.65 0.31
N PRO B 314 17.99 -21.16 -0.38
CA PRO B 314 16.64 -20.58 -0.25
C PRO B 314 16.08 -20.65 1.16
N ASN B 315 16.59 -21.54 2.01
CA ASN B 315 16.11 -21.61 3.39
C ASN B 315 17.06 -20.93 4.36
N GLY B 316 18.05 -20.19 3.85
CA GLY B 316 18.91 -19.33 4.64
C GLY B 316 19.93 -20.04 5.48
N LYS B 317 20.01 -21.36 5.42
CA LYS B 317 20.86 -22.13 6.32
C LYS B 317 22.18 -22.55 5.70
N TYR B 318 22.25 -22.67 4.38
CA TYR B 318 23.45 -23.13 3.71
C TYR B 318 24.06 -22.02 2.87
N ILE B 319 25.33 -22.19 2.55
CA ILE B 319 26.01 -21.31 1.60
C ILE B 319 26.61 -22.20 0.53
N LEU B 320 26.29 -21.89 -0.73
CA LEU B 320 26.89 -22.54 -1.88
C LEU B 320 28.10 -21.70 -2.30
N ALA B 321 29.26 -22.35 -2.43
CA ALA B 321 30.50 -21.65 -2.76
C ALA B 321 31.21 -22.36 -3.91
N ALA B 322 31.61 -21.59 -4.91
CA ALA B 322 32.45 -22.07 -5.99
C ALA B 322 33.90 -21.69 -5.76
N THR B 323 34.81 -22.57 -6.15
CA THR B 323 36.24 -22.29 -6.15
C THR B 323 36.79 -22.63 -7.53
N LEU B 324 37.89 -21.95 -7.90
CA LEU B 324 38.45 -22.10 -9.25
C LEU B 324 39.30 -23.35 -9.38
N ASP B 325 38.84 -24.46 -8.82
CA ASP B 325 39.41 -25.78 -8.98
C ASP B 325 38.32 -26.76 -9.38
N ASN B 326 37.39 -26.30 -10.20
CA ASN B 326 36.33 -27.14 -10.78
C ASN B 326 35.45 -27.76 -9.70
N THR B 327 35.18 -27.00 -8.65
CA THR B 327 34.49 -27.55 -7.49
C THR B 327 33.45 -26.57 -6.96
N LEU B 328 32.26 -27.09 -6.65
CA LEU B 328 31.24 -26.38 -5.90
C LEU B 328 31.06 -27.10 -4.57
N LYS B 329 30.78 -26.33 -3.52
CA LYS B 329 30.60 -26.93 -2.20
C LYS B 329 29.41 -26.31 -1.49
N LEU B 330 28.68 -27.15 -0.76
CA LEU B 330 27.56 -26.72 0.08
C LEU B 330 28.03 -26.70 1.52
N TRP B 331 27.92 -25.54 2.16
CA TRP B 331 28.42 -25.33 3.52
C TRP B 331 27.27 -25.05 4.46
N ASP B 332 27.26 -25.76 5.58
CA ASP B 332 26.47 -25.34 6.74
C ASP B 332 27.33 -24.33 7.49
N TYR B 333 27.04 -23.05 7.32
CA TYR B 333 27.97 -22.05 7.83
C TYR B 333 27.77 -21.80 9.31
N SER B 334 26.63 -22.18 9.88
CA SER B 334 26.49 -22.21 11.33
C SER B 334 27.49 -23.18 11.94
N LYS B 335 27.49 -24.43 11.45
CA LYS B 335 28.52 -25.38 11.83
C LYS B 335 29.87 -25.04 11.20
N GLY B 336 29.87 -24.24 10.14
CA GLY B 336 31.10 -23.95 9.42
C GLY B 336 31.73 -25.18 8.80
N LYS B 337 30.92 -26.09 8.27
CA LYS B 337 31.41 -27.34 7.73
C LYS B 337 30.78 -27.63 6.37
N CYS B 338 31.55 -28.32 5.52
CA CYS B 338 31.11 -28.66 4.19
C CYS B 338 30.27 -29.93 4.21
N LEU B 339 29.07 -29.86 3.63
CA LEU B 339 28.14 -30.99 3.59
C LEU B 339 28.17 -31.75 2.29
N LYS B 340 28.37 -31.05 1.17
CA LYS B 340 28.29 -31.66 -0.15
C LYS B 340 29.33 -31.02 -1.07
N THR B 341 29.80 -31.79 -2.03
CA THR B 341 30.76 -31.33 -3.03
C THR B 341 30.28 -31.79 -4.41
N TYR B 342 30.29 -30.87 -5.37
CA TYR B 342 29.81 -31.13 -6.72
C TYR B 342 30.94 -30.88 -7.72
N THR B 343 31.24 -31.89 -8.54
CA THR B 343 32.28 -31.78 -9.55
C THR B 343 31.77 -32.34 -10.87
N GLY B 344 32.57 -32.18 -11.91
CA GLY B 344 32.20 -32.65 -13.23
C GLY B 344 32.24 -31.55 -14.27
N HIS B 345 31.92 -30.33 -13.84
CA HIS B 345 31.99 -29.15 -14.70
C HIS B 345 33.43 -28.65 -14.79
N LYS B 346 33.62 -27.59 -15.57
CA LYS B 346 34.93 -26.98 -15.75
C LYS B 346 34.88 -25.55 -15.22
N ASN B 347 35.71 -25.26 -14.23
CA ASN B 347 35.69 -23.91 -13.66
C ASN B 347 37.06 -23.63 -13.04
N GLU B 348 37.95 -23.09 -13.87
CA GLU B 348 39.29 -22.70 -13.44
C GLU B 348 39.63 -21.25 -13.78
N LYS B 349 38.78 -20.55 -14.53
CA LYS B 349 39.18 -19.28 -15.12
C LYS B 349 38.22 -18.13 -14.80
N TYR B 350 36.94 -18.44 -14.68
CA TYR B 350 35.90 -17.41 -14.57
C TYR B 350 35.11 -17.57 -13.28
N CYS B 351 34.63 -16.44 -12.75
CA CYS B 351 33.57 -16.48 -11.74
C CYS B 351 32.25 -16.78 -12.44
N ILE B 352 31.64 -17.90 -12.09
CA ILE B 352 30.45 -18.39 -12.77
C ILE B 352 29.34 -18.47 -11.74
N PHE B 353 28.16 -17.94 -12.08
CA PHE B 353 27.02 -18.01 -11.17
C PHE B 353 26.59 -19.45 -10.95
N ALA B 354 26.13 -19.74 -9.74
CA ALA B 354 25.49 -21.03 -9.45
C ALA B 354 24.19 -20.78 -8.71
N ASN B 355 23.30 -21.78 -8.73
CA ASN B 355 21.95 -21.60 -8.24
C ASN B 355 21.45 -22.84 -7.52
N PHE B 356 20.52 -22.62 -6.60
CA PHE B 356 19.63 -23.68 -6.12
C PHE B 356 18.36 -23.65 -6.98
N SER B 357 18.02 -24.79 -7.59
CA SER B 357 16.73 -24.96 -8.25
C SER B 357 15.79 -25.66 -7.29
N VAL B 358 14.62 -25.07 -7.05
CA VAL B 358 13.75 -25.57 -5.98
C VAL B 358 12.32 -25.79 -6.46
N THR B 359 12.02 -25.36 -7.69
CA THR B 359 10.64 -25.44 -8.18
C THR B 359 10.20 -26.87 -8.44
N GLY B 360 11.15 -27.74 -8.79
CA GLY B 360 10.85 -29.16 -8.98
C GLY B 360 11.75 -30.02 -8.13
N GLY B 361 12.55 -30.87 -8.77
CA GLY B 361 13.59 -31.55 -8.03
C GLY B 361 14.60 -30.57 -7.47
N LYS B 362 15.25 -30.96 -6.39
CA LYS B 362 16.15 -30.07 -5.67
C LYS B 362 17.53 -30.20 -6.29
N TRP B 363 17.86 -29.28 -7.19
CA TRP B 363 19.10 -29.32 -7.95
C TRP B 363 20.05 -28.21 -7.54
N ILE B 364 21.32 -28.43 -7.87
CA ILE B 364 22.33 -27.37 -7.99
C ILE B 364 22.54 -27.14 -9.48
N VAL B 365 22.56 -25.88 -9.91
CA VAL B 365 22.70 -25.51 -11.32
C VAL B 365 23.90 -24.57 -11.45
N SER B 366 24.78 -24.84 -12.42
CA SER B 366 25.91 -23.95 -12.66
C SER B 366 26.24 -23.91 -14.14
N GLY B 367 26.83 -22.80 -14.58
CA GLY B 367 27.48 -22.75 -15.87
C GLY B 367 28.82 -23.44 -15.82
N SER B 368 29.54 -23.36 -16.93
CA SER B 368 30.77 -24.15 -17.04
C SER B 368 31.57 -23.68 -18.24
N GLU B 369 32.88 -23.87 -18.15
CA GLU B 369 33.80 -23.41 -19.18
C GLU B 369 33.86 -24.35 -20.38
N ASP B 370 33.20 -25.52 -20.32
CA ASP B 370 33.03 -26.36 -21.49
C ASP B 370 31.72 -26.08 -22.20
N ASN B 371 31.12 -24.90 -21.98
CA ASN B 371 29.96 -24.40 -22.70
C ASN B 371 28.65 -25.11 -22.35
N LEU B 372 28.62 -25.86 -21.24
CA LEU B 372 27.43 -26.59 -20.81
C LEU B 372 26.83 -25.99 -19.54
N VAL B 373 25.54 -26.23 -19.35
CA VAL B 373 24.87 -26.01 -18.06
C VAL B 373 24.84 -27.34 -17.33
N TYR B 374 25.40 -27.37 -16.12
CA TYR B 374 25.42 -28.57 -15.29
C TYR B 374 24.31 -28.51 -14.25
N ILE B 375 23.60 -29.62 -14.08
CA ILE B 375 22.56 -29.77 -13.06
C ILE B 375 22.91 -31.00 -12.23
N TRP B 376 23.05 -30.82 -10.91
CA TRP B 376 23.32 -31.91 -9.98
C TRP B 376 22.15 -32.13 -9.04
N ASN B 377 21.95 -33.39 -8.64
CA ASN B 377 21.11 -33.70 -7.50
C ASN B 377 21.78 -33.17 -6.23
N LEU B 378 21.10 -32.30 -5.49
CA LEU B 378 21.76 -31.64 -4.36
C LEU B 378 22.18 -32.67 -3.30
N GLN B 379 21.35 -33.68 -3.06
CA GLN B 379 21.61 -34.64 -2.00
C GLN B 379 22.63 -35.69 -2.42
N THR B 380 22.48 -36.26 -3.61
CA THR B 380 23.35 -37.36 -4.02
C THR B 380 24.63 -36.88 -4.66
N LYS B 381 24.66 -35.63 -5.11
CA LYS B 381 25.77 -35.01 -5.81
C LYS B 381 25.95 -35.54 -7.23
N GLU B 382 25.04 -36.41 -7.70
CA GLU B 382 25.15 -36.92 -9.06
C GLU B 382 24.71 -35.87 -10.07
N ILE B 383 25.42 -35.82 -11.19
CA ILE B 383 24.97 -35.00 -12.31
C ILE B 383 23.72 -35.64 -12.91
N VAL B 384 22.65 -34.85 -13.05
CA VAL B 384 21.41 -35.36 -13.61
C VAL B 384 21.12 -34.83 -15.01
N GLN B 385 21.77 -33.74 -15.44
CA GLN B 385 21.59 -33.23 -16.79
C GLN B 385 22.71 -32.26 -17.13
N LYS B 386 23.10 -32.26 -18.40
CA LYS B 386 23.99 -31.25 -18.97
C LYS B 386 23.29 -30.64 -20.17
N LEU B 387 23.13 -29.31 -20.18
CA LEU B 387 22.39 -28.63 -21.21
C LEU B 387 23.36 -28.14 -22.29
N GLN B 388 23.21 -28.70 -23.49
CA GLN B 388 24.11 -28.40 -24.60
C GLN B 388 23.46 -27.42 -25.57
N GLY B 389 24.21 -26.42 -25.99
CA GLY B 389 23.74 -25.50 -27.00
C GLY B 389 24.55 -24.23 -27.14
N HIS B 390 25.07 -23.70 -26.03
CA HIS B 390 25.88 -22.50 -26.12
C HIS B 390 27.21 -22.83 -26.83
N THR B 391 27.80 -21.79 -27.41
CA THR B 391 29.06 -21.90 -28.14
C THR B 391 30.18 -21.11 -27.46
N ASP B 392 29.99 -20.74 -26.20
CA ASP B 392 31.08 -20.17 -25.41
C ASP B 392 30.75 -20.47 -23.95
N VAL B 393 31.68 -20.04 -23.08
CA VAL B 393 31.58 -20.26 -21.64
C VAL B 393 30.20 -19.85 -21.15
N VAL B 394 29.53 -20.73 -20.41
CA VAL B 394 28.27 -20.36 -19.78
C VAL B 394 28.65 -19.69 -18.46
N ILE B 395 28.59 -18.35 -18.47
CA ILE B 395 29.04 -17.52 -17.37
C ILE B 395 27.95 -17.31 -16.34
N SER B 396 26.69 -17.40 -16.74
CA SER B 396 25.58 -17.09 -15.85
C SER B 396 24.44 -18.07 -16.10
N THR B 397 23.81 -18.50 -15.01
CA THR B 397 22.57 -19.27 -15.05
C THR B 397 21.64 -18.68 -13.99
N ALA B 398 20.34 -18.83 -14.22
CA ALA B 398 19.35 -18.43 -13.22
C ALA B 398 18.17 -19.38 -13.30
N CYS B 399 17.42 -19.47 -12.20
CA CYS B 399 16.29 -20.38 -12.08
C CYS B 399 15.03 -19.59 -11.81
N HIS B 400 13.98 -19.88 -12.56
CA HIS B 400 12.74 -19.14 -12.42
C HIS B 400 12.15 -19.36 -11.03
N PRO B 401 11.52 -18.34 -10.43
CA PRO B 401 11.08 -18.48 -9.02
C PRO B 401 9.94 -19.47 -8.80
N THR B 402 9.13 -19.78 -9.81
CA THR B 402 8.02 -20.71 -9.59
C THR B 402 7.86 -21.78 -10.67
N GLU B 403 8.38 -21.58 -11.87
CA GLU B 403 8.28 -22.58 -12.92
C GLU B 403 9.63 -23.25 -13.13
N ASN B 404 9.59 -24.42 -13.76
CA ASN B 404 10.81 -25.20 -14.02
C ASN B 404 11.48 -24.64 -15.27
N ILE B 405 12.14 -23.49 -15.10
CA ILE B 405 12.69 -22.76 -16.23
C ILE B 405 14.08 -22.27 -15.82
N ILE B 406 15.05 -22.50 -16.70
CA ILE B 406 16.43 -22.05 -16.50
C ILE B 406 16.80 -21.08 -17.62
N ALA B 407 17.45 -19.99 -17.25
CA ALA B 407 18.07 -19.07 -18.20
C ALA B 407 19.57 -19.23 -18.10
N SER B 408 20.25 -19.16 -19.24
CA SER B 408 21.71 -19.29 -19.30
C SER B 408 22.24 -18.24 -20.27
N ALA B 409 23.46 -17.78 -20.01
CA ALA B 409 24.08 -16.71 -20.77
C ALA B 409 25.56 -17.02 -21.00
N ALA B 410 26.07 -16.64 -22.18
CA ALA B 410 27.39 -17.07 -22.62
C ALA B 410 28.24 -15.88 -23.06
N LEU B 411 29.55 -16.15 -23.15
CA LEU B 411 30.55 -15.13 -23.48
C LEU B 411 30.65 -14.84 -24.98
N GLU B 412 31.77 -14.23 -25.39
CA GLU B 412 31.84 -13.45 -26.63
C GLU B 412 31.50 -14.26 -27.89
N ASN B 413 31.94 -15.53 -27.96
CA ASN B 413 31.69 -16.25 -29.21
C ASN B 413 30.21 -16.54 -29.40
N ASP B 414 29.39 -16.35 -28.37
CA ASP B 414 27.99 -16.73 -28.38
C ASP B 414 27.10 -15.51 -28.20
N LYS B 415 27.20 -14.82 -27.07
CA LYS B 415 26.51 -13.56 -26.80
C LYS B 415 25.00 -13.70 -26.72
N THR B 416 24.48 -14.91 -26.59
CA THR B 416 23.05 -15.13 -26.49
C THR B 416 22.66 -15.65 -25.11
N ILE B 417 21.38 -15.51 -24.83
CA ILE B 417 20.75 -16.06 -23.64
C ILE B 417 19.83 -17.18 -24.11
N LYS B 418 19.77 -18.26 -23.35
CA LYS B 418 18.89 -19.36 -23.72
C LYS B 418 17.95 -19.65 -22.57
N LEU B 419 16.69 -19.95 -22.93
CA LEU B 419 15.68 -20.34 -21.97
C LEU B 419 15.33 -21.80 -22.19
N TRP B 420 15.42 -22.58 -21.12
CA TRP B 420 15.21 -24.02 -21.14
C TRP B 420 14.08 -24.36 -20.20
N LYS B 421 13.24 -25.32 -20.58
CA LYS B 421 12.09 -25.68 -19.76
C LYS B 421 12.09 -27.18 -19.52
N SER B 422 11.65 -27.56 -18.33
CA SER B 422 11.59 -28.94 -17.90
C SER B 422 10.16 -29.26 -17.52
N ASP B 423 9.76 -30.52 -17.73
CA ASP B 423 8.46 -30.97 -17.26
C ASP B 423 8.45 -31.25 -15.77
N CYS B 424 9.60 -31.27 -15.11
CA CYS B 424 9.68 -31.53 -13.68
C CYS B 424 10.88 -30.84 -13.05
N PRO C 123 -22.74 30.66 -24.41
CA PRO C 123 -22.32 29.51 -25.22
C PRO C 123 -23.03 29.50 -26.56
N ASN C 124 -22.57 28.67 -27.49
CA ASN C 124 -23.24 28.54 -28.78
C ASN C 124 -23.39 27.06 -29.13
N TYR C 125 -23.98 26.31 -28.20
CA TYR C 125 -24.22 24.89 -28.44
C TYR C 125 -25.05 24.70 -29.69
N ALA C 126 -24.61 23.80 -30.55
CA ALA C 126 -25.24 23.54 -31.82
C ALA C 126 -25.31 22.04 -32.02
N LEU C 127 -26.40 21.58 -32.62
CA LEU C 127 -26.60 20.15 -32.82
C LEU C 127 -25.55 19.59 -33.77
N LYS C 128 -24.82 18.57 -33.32
CA LYS C 128 -23.88 17.86 -34.17
C LYS C 128 -24.34 16.45 -34.53
N PHE C 129 -24.94 15.72 -33.60
CA PHE C 129 -25.31 14.34 -33.89
C PHE C 129 -26.62 14.01 -33.20
N THR C 130 -27.43 13.18 -33.86
CA THR C 130 -28.63 12.60 -33.28
C THR C 130 -28.43 11.09 -33.22
N LEU C 131 -28.64 10.50 -32.04
CA LEU C 131 -28.35 9.10 -31.75
C LEU C 131 -29.67 8.36 -31.64
N ALA C 132 -29.96 7.51 -32.62
CA ALA C 132 -31.18 6.73 -32.64
C ALA C 132 -30.88 5.25 -32.43
N GLY C 133 -31.85 4.55 -31.84
CA GLY C 133 -31.73 3.13 -31.63
C GLY C 133 -32.65 2.63 -30.54
N HIS C 134 -32.87 3.44 -29.51
CA HIS C 134 -33.83 3.03 -28.49
C HIS C 134 -35.22 3.00 -29.09
N THR C 135 -36.02 2.04 -28.62
CA THR C 135 -37.36 1.82 -29.15
C THR C 135 -38.45 2.27 -28.20
N LYS C 136 -38.08 2.75 -27.01
CA LYS C 136 -38.99 3.46 -26.11
C LYS C 136 -38.25 4.69 -25.60
N ALA C 137 -38.93 5.44 -24.71
CA ALA C 137 -38.34 6.65 -24.14
C ALA C 137 -36.94 6.39 -23.58
N VAL C 138 -36.07 7.37 -23.76
CA VAL C 138 -34.74 7.34 -23.15
C VAL C 138 -34.85 7.99 -21.78
N SER C 139 -34.32 7.31 -20.77
CA SER C 139 -34.52 7.75 -19.38
C SER C 139 -33.34 8.49 -18.80
N SER C 140 -32.11 8.17 -19.21
CA SER C 140 -30.94 8.84 -18.64
CA SER C 140 -30.94 8.83 -18.65
C SER C 140 -29.76 8.69 -19.60
N VAL C 141 -28.96 9.75 -19.70
CA VAL C 141 -27.69 9.71 -20.42
C VAL C 141 -26.59 10.18 -19.48
N LYS C 142 -25.41 9.56 -19.57
CA LYS C 142 -24.27 9.87 -18.72
C LYS C 142 -22.97 9.73 -19.50
N PHE C 143 -22.10 10.72 -19.41
CA PHE C 143 -20.76 10.59 -19.99
C PHE C 143 -19.82 9.84 -19.06
N SER C 144 -19.01 8.94 -19.62
CA SER C 144 -18.01 8.28 -18.83
C SER C 144 -16.98 9.29 -18.33
N PRO C 145 -16.42 9.07 -17.14
CA PRO C 145 -15.45 10.04 -16.60
C PRO C 145 -14.24 10.23 -17.49
N ASN C 146 -13.82 9.22 -18.27
CA ASN C 146 -12.65 9.39 -19.14
C ASN C 146 -13.00 10.09 -20.45
N GLY C 147 -14.25 10.54 -20.62
CA GLY C 147 -14.62 11.33 -21.78
C GLY C 147 -14.86 10.55 -23.06
N GLU C 148 -14.67 9.24 -23.05
CA GLU C 148 -14.71 8.47 -24.29
C GLU C 148 -16.12 8.07 -24.71
N TRP C 149 -17.02 7.80 -23.76
CA TRP C 149 -18.29 7.16 -24.02
C TRP C 149 -19.48 7.93 -23.45
N LEU C 150 -20.63 7.71 -24.06
CA LEU C 150 -21.91 8.11 -23.50
C LEU C 150 -22.72 6.84 -23.29
N ALA C 151 -23.32 6.71 -22.10
CA ALA C 151 -24.22 5.61 -21.80
C ALA C 151 -25.63 6.14 -21.73
N SER C 152 -26.57 5.39 -22.33
CA SER C 152 -27.98 5.73 -22.25
C SER C 152 -28.75 4.54 -21.70
N SER C 153 -29.84 4.84 -21.00
CA SER C 153 -30.77 3.84 -20.51
C SER C 153 -32.14 4.16 -21.05
N SER C 154 -33.03 3.17 -21.05
CA SER C 154 -34.31 3.38 -21.70
C SER C 154 -35.38 2.48 -21.08
N ALA C 155 -36.62 2.92 -21.27
CA ALA C 155 -37.76 2.09 -20.95
C ALA C 155 -37.80 0.81 -21.78
N ASP C 156 -37.03 0.73 -22.86
CA ASP C 156 -36.98 -0.49 -23.68
C ASP C 156 -36.10 -1.57 -23.07
N LYS C 157 -35.67 -1.39 -21.80
CA LYS C 157 -34.91 -2.36 -21.00
C LYS C 157 -33.43 -2.43 -21.35
N LEU C 158 -32.94 -1.55 -22.22
CA LEU C 158 -31.60 -1.65 -22.78
C LEU C 158 -30.72 -0.50 -22.30
N ILE C 159 -29.44 -0.78 -22.21
CA ILE C 159 -28.39 0.22 -22.15
C ILE C 159 -27.72 0.27 -23.50
N LYS C 160 -27.43 1.47 -23.99
CA LYS C 160 -26.63 1.59 -25.21
C LYS C 160 -25.42 2.46 -24.91
N ILE C 161 -24.30 2.08 -25.52
CA ILE C 161 -23.06 2.83 -25.39
C ILE C 161 -22.78 3.51 -26.72
N TRP C 162 -22.38 4.78 -26.66
CA TRP C 162 -22.14 5.59 -27.85
C TRP C 162 -20.82 6.33 -27.69
N GLY C 163 -20.16 6.62 -28.80
CA GLY C 163 -18.98 7.46 -28.74
C GLY C 163 -19.34 8.83 -28.25
N ALA C 164 -18.59 9.37 -27.29
CA ALA C 164 -18.94 10.65 -26.69
C ALA C 164 -18.71 11.83 -27.62
N TYR C 165 -17.81 11.70 -28.60
CA TYR C 165 -17.48 12.83 -29.47
C TYR C 165 -18.21 12.79 -30.80
N ASP C 166 -18.48 11.61 -31.34
CA ASP C 166 -19.17 11.51 -32.63
C ASP C 166 -20.51 10.80 -32.54
N GLY C 167 -20.95 10.39 -31.36
CA GLY C 167 -22.20 9.68 -31.23
C GLY C 167 -22.25 8.32 -31.87
N LYS C 168 -21.12 7.75 -32.27
CA LYS C 168 -21.13 6.48 -32.99
C LYS C 168 -21.66 5.37 -32.09
N PHE C 169 -22.66 4.62 -32.57
CA PHE C 169 -23.13 3.49 -31.78
C PHE C 169 -22.00 2.51 -31.53
N GLU C 170 -21.90 2.04 -30.28
CA GLU C 170 -20.84 1.10 -29.91
C GLU C 170 -21.40 -0.27 -29.56
N LYS C 171 -22.34 -0.36 -28.61
CA LYS C 171 -22.89 -1.65 -28.23
C LYS C 171 -24.20 -1.45 -27.48
N THR C 172 -24.97 -2.53 -27.42
CA THR C 172 -26.15 -2.65 -26.56
C THR C 172 -25.85 -3.61 -25.43
N ILE C 173 -26.30 -3.25 -24.23
CA ILE C 173 -26.09 -4.05 -23.01
C ILE C 173 -27.46 -4.45 -22.49
N SER C 174 -27.72 -5.75 -22.44
CA SER C 174 -29.04 -6.31 -22.19
C SER C 174 -29.03 -7.20 -20.95
N GLY C 175 -30.20 -7.31 -20.32
CA GLY C 175 -30.33 -8.23 -19.20
C GLY C 175 -31.43 -7.89 -18.22
N HIS C 176 -31.76 -6.62 -18.05
CA HIS C 176 -32.87 -6.27 -17.19
C HIS C 176 -34.18 -6.78 -17.79
N LYS C 177 -35.11 -7.17 -16.92
CA LYS C 177 -36.38 -7.74 -17.35
C LYS C 177 -37.47 -6.68 -17.54
N LEU C 178 -37.26 -5.48 -17.01
CA LEU C 178 -38.17 -4.37 -17.21
C LEU C 178 -37.34 -3.13 -17.51
N GLY C 179 -38.04 -2.01 -17.68
CA GLY C 179 -37.38 -0.78 -18.11
C GLY C 179 -36.37 -0.28 -17.09
N ILE C 180 -35.46 0.57 -17.57
CA ILE C 180 -34.35 1.10 -16.77
C ILE C 180 -34.57 2.59 -16.60
N SER C 181 -34.49 3.06 -15.35
CA SER C 181 -34.64 4.49 -15.09
C SER C 181 -33.33 5.26 -15.12
N ASP C 182 -32.20 4.63 -14.79
CA ASP C 182 -30.99 5.38 -14.56
C ASP C 182 -29.78 4.48 -14.80
N VAL C 183 -28.66 5.10 -15.17
CA VAL C 183 -27.39 4.41 -15.32
C VAL C 183 -26.31 5.33 -14.77
N ALA C 184 -25.21 4.74 -14.31
CA ALA C 184 -24.11 5.54 -13.78
C ALA C 184 -22.79 4.80 -13.97
N TRP C 185 -21.73 5.58 -14.19
CA TRP C 185 -20.38 5.05 -14.42
C TRP C 185 -19.54 4.98 -13.15
N SER C 186 -18.66 3.99 -13.09
CA SER C 186 -17.61 4.01 -12.09
C SER C 186 -16.57 5.06 -12.45
N SER C 187 -15.74 5.42 -11.47
CA SER C 187 -14.75 6.47 -11.68
C SER C 187 -13.72 6.10 -12.74
N ASP C 188 -13.39 4.82 -12.90
CA ASP C 188 -12.40 4.42 -13.89
C ASP C 188 -13.03 4.13 -15.26
N SER C 189 -14.32 4.42 -15.44
CA SER C 189 -15.09 4.24 -16.67
C SER C 189 -15.20 2.79 -17.09
N ASN C 190 -14.90 1.84 -16.21
CA ASN C 190 -14.92 0.44 -16.59
C ASN C 190 -16.22 -0.27 -16.22
N LEU C 191 -16.97 0.26 -15.26
CA LEU C 191 -18.22 -0.35 -14.81
C LEU C 191 -19.38 0.62 -15.02
N LEU C 192 -20.56 0.05 -15.23
CA LEU C 192 -21.80 0.78 -15.19
C LEU C 192 -22.72 0.12 -14.16
N VAL C 193 -23.55 0.92 -13.52
CA VAL C 193 -24.64 0.39 -12.71
C VAL C 193 -25.95 0.92 -13.29
N SER C 194 -26.98 0.07 -13.28
CA SER C 194 -28.27 0.44 -13.83
C SER C 194 -29.35 0.17 -12.79
N ALA C 195 -30.40 0.98 -12.82
CA ALA C 195 -31.52 0.87 -11.89
C ALA C 195 -32.80 0.61 -12.68
N SER C 196 -33.52 -0.44 -12.29
CA SER C 196 -34.60 -0.96 -13.14
C SER C 196 -35.91 -1.12 -12.37
N ASP C 197 -37.01 -1.08 -13.13
CA ASP C 197 -38.33 -1.43 -12.60
C ASP C 197 -38.43 -2.90 -12.22
N ASP C 198 -37.46 -3.74 -12.61
CA ASP C 198 -37.49 -5.12 -12.14
C ASP C 198 -37.03 -5.24 -10.69
N LYS C 199 -36.86 -4.11 -9.99
CA LYS C 199 -36.54 -3.99 -8.56
C LYS C 199 -35.06 -4.30 -8.26
N THR C 200 -34.23 -4.45 -9.28
CA THR C 200 -32.81 -4.68 -9.07
C THR C 200 -31.98 -3.55 -9.65
N LEU C 201 -30.74 -3.49 -9.22
CA LEU C 201 -29.69 -2.85 -9.98
C LEU C 201 -28.79 -3.93 -10.54
N LYS C 202 -28.12 -3.63 -11.65
CA LYS C 202 -27.11 -4.53 -12.19
C LYS C 202 -25.81 -3.78 -12.36
N ILE C 203 -24.70 -4.43 -12.01
CA ILE C 203 -23.36 -3.91 -12.27
C ILE C 203 -22.85 -4.56 -13.55
N TRP C 204 -22.35 -3.74 -14.46
CA TRP C 204 -21.95 -4.22 -15.78
C TRP C 204 -20.47 -3.97 -16.00
N ASP C 205 -19.78 -4.94 -16.61
CA ASP C 205 -18.47 -4.70 -17.18
C ASP C 205 -18.69 -4.14 -18.58
N VAL C 206 -18.30 -2.88 -18.79
CA VAL C 206 -18.66 -2.22 -20.04
C VAL C 206 -17.95 -2.87 -21.23
N SER C 207 -16.68 -3.26 -21.04
CA SER C 207 -15.91 -3.88 -22.11
C SER C 207 -16.59 -5.14 -22.66
N SER C 208 -17.08 -5.99 -21.77
CA SER C 208 -17.68 -7.25 -22.20
C SER C 208 -19.18 -7.17 -22.39
N GLY C 209 -19.83 -6.15 -21.80
CA GLY C 209 -21.27 -6.05 -21.85
C GLY C 209 -21.99 -6.99 -20.91
N LYS C 210 -21.26 -7.69 -20.05
CA LYS C 210 -21.87 -8.74 -19.22
C LYS C 210 -22.14 -8.23 -17.81
N CYS C 211 -23.17 -8.81 -17.21
CA CYS C 211 -23.59 -8.42 -15.87
C CYS C 211 -22.68 -9.11 -14.85
N LEU C 212 -22.01 -8.30 -14.02
CA LEU C 212 -21.16 -8.86 -12.97
C LEU C 212 -21.98 -9.23 -11.73
N LYS C 213 -22.90 -8.37 -11.34
CA LYS C 213 -23.67 -8.55 -10.12
C LYS C 213 -25.07 -8.02 -10.35
N THR C 214 -26.04 -8.67 -9.72
CA THR C 214 -27.41 -8.18 -9.63
C THR C 214 -27.70 -7.84 -8.17
N LEU C 215 -28.06 -6.58 -7.91
CA LEU C 215 -28.21 -6.07 -6.55
C LEU C 215 -29.68 -6.17 -6.17
N LYS C 216 -29.99 -7.11 -5.27
CA LYS C 216 -31.35 -7.42 -4.90
C LYS C 216 -31.63 -6.97 -3.47
N GLY C 217 -32.80 -6.39 -3.26
CA GLY C 217 -33.15 -5.92 -1.93
C GLY C 217 -34.31 -4.95 -1.93
N HIS C 218 -34.35 -4.06 -2.91
CA HIS C 218 -35.46 -3.13 -3.00
C HIS C 218 -36.76 -3.88 -3.25
N SER C 219 -37.86 -3.32 -2.75
CA SER C 219 -39.17 -3.94 -2.85
C SER C 219 -40.05 -3.26 -3.88
N ASN C 220 -39.51 -2.32 -4.65
CA ASN C 220 -40.24 -1.62 -5.69
C ASN C 220 -39.21 -1.17 -6.71
N TYR C 221 -39.67 -0.45 -7.73
CA TYR C 221 -38.77 0.03 -8.79
C TYR C 221 -37.56 0.72 -8.18
N VAL C 222 -36.39 0.53 -8.78
CA VAL C 222 -35.21 1.32 -8.44
C VAL C 222 -35.12 2.45 -9.45
N PHE C 223 -35.07 3.68 -8.95
CA PHE C 223 -35.22 4.86 -9.78
C PHE C 223 -33.90 5.57 -10.06
N CYS C 224 -32.94 5.49 -9.15
CA CYS C 224 -31.75 6.32 -9.30
C CYS C 224 -30.56 5.62 -8.67
N CYS C 225 -29.36 5.93 -9.19
CA CYS C 225 -28.18 5.21 -8.74
C CYS C 225 -26.94 6.02 -9.03
N ASN C 226 -25.86 5.69 -8.31
CA ASN C 226 -24.58 6.36 -8.47
C ASN C 226 -23.50 5.55 -7.76
N PHE C 227 -22.29 5.55 -8.33
CA PHE C 227 -21.10 5.09 -7.63
C PHE C 227 -20.59 6.21 -6.72
N ASN C 228 -19.88 5.83 -5.65
CA ASN C 228 -19.08 6.82 -4.94
C ASN C 228 -17.76 7.01 -5.69
N PRO C 229 -17.01 8.06 -5.34
CA PRO C 229 -15.76 8.32 -6.05
C PRO C 229 -14.77 7.18 -5.98
N GLN C 230 -14.61 6.56 -4.81
CA GLN C 230 -13.75 5.38 -4.72
C GLN C 230 -14.26 4.26 -5.62
N SER C 231 -15.58 4.23 -5.83
CA SER C 231 -16.32 3.27 -6.65
C SER C 231 -16.31 1.86 -6.04
N ASN C 232 -16.06 1.77 -4.74
CA ASN C 232 -16.30 0.54 -4.00
C ASN C 232 -17.74 0.42 -3.54
N LEU C 233 -18.54 1.50 -3.64
CA LEU C 233 -19.93 1.50 -3.20
C LEU C 233 -20.84 2.01 -4.31
N ILE C 234 -22.10 1.58 -4.25
CA ILE C 234 -23.18 2.14 -5.07
C ILE C 234 -24.29 2.57 -4.12
N VAL C 235 -24.90 3.72 -4.41
CA VAL C 235 -26.08 4.17 -3.70
C VAL C 235 -27.26 4.09 -4.66
N SER C 236 -28.42 3.68 -4.13
CA SER C 236 -29.63 3.54 -4.94
C SER C 236 -30.79 4.20 -4.20
N GLY C 237 -31.76 4.67 -4.97
CA GLY C 237 -33.01 5.16 -4.42
C GLY C 237 -34.16 4.54 -5.16
N SER C 238 -35.25 4.25 -4.43
CA SER C 238 -36.30 3.39 -4.95
C SER C 238 -37.67 3.96 -4.63
N PHE C 239 -38.66 3.49 -5.40
CA PHE C 239 -40.06 3.76 -5.10
C PHE C 239 -40.50 3.15 -3.78
N ASP C 240 -39.73 2.21 -3.23
CA ASP C 240 -39.99 1.68 -1.90
C ASP C 240 -39.61 2.63 -0.77
N GLU C 241 -39.15 3.85 -1.10
CA GLU C 241 -38.92 4.98 -0.20
C GLU C 241 -37.61 4.84 0.57
N SER C 242 -36.78 3.85 0.25
CA SER C 242 -35.50 3.67 0.92
C SER C 242 -34.36 4.09 0.01
N VAL C 243 -33.22 4.36 0.65
CA VAL C 243 -31.92 4.50 0.00
C VAL C 243 -31.06 3.33 0.46
N ARG C 244 -30.41 2.64 -0.47
CA ARG C 244 -29.56 1.51 -0.12
C ARG C 244 -28.13 1.77 -0.56
N ILE C 245 -27.20 1.26 0.25
CA ILE C 245 -25.78 1.37 0.00
C ILE C 245 -25.25 -0.05 -0.24
N TRP C 246 -24.59 -0.26 -1.37
CA TRP C 246 -24.22 -1.58 -1.83
C TRP C 246 -22.71 -1.69 -1.96
N ASP C 247 -22.20 -2.87 -1.65
CA ASP C 247 -20.78 -3.17 -1.87
C ASP C 247 -20.60 -3.67 -3.29
N VAL C 248 -19.76 -2.98 -4.06
CA VAL C 248 -19.58 -3.31 -5.48
C VAL C 248 -18.94 -4.68 -5.63
N LYS C 249 -17.93 -4.97 -4.82
CA LYS C 249 -17.19 -6.22 -4.97
C LYS C 249 -18.06 -7.44 -4.68
N THR C 250 -18.87 -7.38 -3.62
CA THR C 250 -19.70 -8.53 -3.26
C THR C 250 -21.08 -8.49 -3.90
N GLY C 251 -21.54 -7.31 -4.33
CA GLY C 251 -22.89 -7.20 -4.82
C GLY C 251 -23.97 -7.29 -3.75
N LYS C 252 -23.62 -7.13 -2.49
CA LYS C 252 -24.55 -7.27 -1.38
C LYS C 252 -24.85 -5.92 -0.75
N CYS C 253 -26.05 -5.80 -0.20
CA CYS C 253 -26.47 -4.56 0.44
C CYS C 253 -25.79 -4.41 1.80
N LEU C 254 -25.11 -3.28 2.00
CA LEU C 254 -24.50 -2.96 3.28
C LEU C 254 -25.46 -2.26 4.23
N LYS C 255 -26.28 -1.33 3.73
CA LYS C 255 -27.16 -0.54 4.56
C LYS C 255 -28.46 -0.24 3.82
N THR C 256 -29.57 -0.23 4.55
CA THR C 256 -30.84 0.25 4.03
C THR C 256 -31.28 1.43 4.88
N LEU C 257 -31.42 2.60 4.25
CA LEU C 257 -31.76 3.82 4.98
C LEU C 257 -33.23 4.11 4.80
N PRO C 258 -34.02 4.21 5.88
CA PRO C 258 -35.42 4.59 5.75
C PRO C 258 -35.53 6.07 5.42
N ALA C 259 -35.10 6.42 4.21
CA ALA C 259 -34.70 7.81 3.95
C ALA C 259 -35.91 8.74 3.85
N HIS C 260 -37.03 8.25 3.33
CA HIS C 260 -38.12 9.12 2.89
C HIS C 260 -39.46 8.44 3.07
N SER C 261 -40.54 9.21 2.92
CA SER C 261 -41.90 8.70 3.03
C SER C 261 -42.63 8.70 1.70
N ASP C 262 -41.87 8.72 0.61
CA ASP C 262 -42.37 8.69 -0.75
C ASP C 262 -41.20 8.25 -1.62
N PRO C 263 -41.43 7.99 -2.90
CA PRO C 263 -40.33 7.50 -3.74
C PRO C 263 -39.13 8.42 -3.73
N VAL C 264 -37.94 7.82 -3.77
CA VAL C 264 -36.67 8.56 -3.75
C VAL C 264 -36.33 8.95 -5.18
N SER C 265 -36.21 10.27 -5.41
CA SER C 265 -36.05 10.80 -6.76
C SER C 265 -34.60 10.91 -7.19
N ALA C 266 -33.64 10.98 -6.25
CA ALA C 266 -32.24 11.17 -6.61
C ALA C 266 -31.36 10.79 -5.43
N VAL C 267 -30.17 10.29 -5.73
CA VAL C 267 -29.13 10.00 -4.74
C VAL C 267 -27.78 10.33 -5.36
N HIS C 268 -26.89 10.93 -4.56
CA HIS C 268 -25.59 11.34 -5.09
C HIS C 268 -24.59 11.46 -3.96
N PHE C 269 -23.39 10.92 -4.17
CA PHE C 269 -22.27 11.04 -3.24
C PHE C 269 -21.53 12.37 -3.44
N ASN C 270 -20.95 12.87 -2.36
CA ASN C 270 -20.04 14.02 -2.46
C ASN C 270 -18.66 13.52 -2.92
N ARG C 271 -17.68 14.41 -2.92
CA ARG C 271 -16.47 14.13 -3.68
C ARG C 271 -15.51 13.16 -3.00
N ASP C 272 -15.64 12.93 -1.69
CA ASP C 272 -14.90 11.84 -1.06
C ASP C 272 -15.81 10.69 -0.64
N GLY C 273 -17.06 10.67 -1.09
CA GLY C 273 -17.96 9.60 -0.75
C GLY C 273 -18.40 9.58 0.70
N SER C 274 -18.09 10.61 1.48
CA SER C 274 -18.48 10.59 2.89
C SER C 274 -19.92 11.02 3.11
N LEU C 275 -20.53 11.72 2.15
CA LEU C 275 -21.91 12.15 2.24
C LEU C 275 -22.72 11.60 1.08
N ILE C 276 -24.00 11.37 1.34
CA ILE C 276 -24.99 11.09 0.32
C ILE C 276 -26.06 12.15 0.44
N VAL C 277 -26.46 12.72 -0.68
CA VAL C 277 -27.64 13.58 -0.73
C VAL C 277 -28.77 12.82 -1.41
N SER C 278 -29.96 12.88 -0.82
CA SER C 278 -31.14 12.22 -1.36
C SER C 278 -32.31 13.19 -1.40
N SER C 279 -33.23 12.94 -2.32
CA SER C 279 -34.41 13.78 -2.50
C SER C 279 -35.60 12.88 -2.77
N SER C 280 -36.80 13.41 -2.55
CA SER C 280 -37.98 12.58 -2.63
C SER C 280 -39.21 13.42 -2.93
N TYR C 281 -40.24 12.71 -3.40
CA TYR C 281 -41.57 13.30 -3.55
C TYR C 281 -42.18 13.72 -2.23
N ASP C 282 -41.63 13.27 -1.11
CA ASP C 282 -42.13 13.76 0.18
C ASP C 282 -41.75 15.22 0.43
N GLY C 283 -41.01 15.86 -0.48
CA GLY C 283 -40.67 17.26 -0.34
C GLY C 283 -39.37 17.52 0.39
N LEU C 284 -38.64 16.49 0.79
CA LEU C 284 -37.43 16.67 1.58
C LEU C 284 -36.18 16.41 0.76
N CYS C 285 -35.12 17.11 1.15
CA CYS C 285 -33.75 16.78 0.78
CA CYS C 285 -33.74 16.82 0.78
C CYS C 285 -32.99 16.44 2.05
N ARG C 286 -32.38 15.27 2.07
CA ARG C 286 -31.63 14.84 3.24
C ARG C 286 -30.18 14.54 2.89
N ILE C 287 -29.30 14.77 3.85
CA ILE C 287 -27.88 14.48 3.71
C ILE C 287 -27.52 13.41 4.74
N TRP C 288 -26.86 12.37 4.27
CA TRP C 288 -26.62 11.17 5.04
C TRP C 288 -25.13 10.96 5.20
N ASP C 289 -24.72 10.49 6.37
CA ASP C 289 -23.35 10.06 6.58
C ASP C 289 -23.20 8.64 6.04
N THR C 290 -22.35 8.48 5.01
CA THR C 290 -22.23 7.18 4.35
C THR C 290 -21.79 6.10 5.33
N ALA C 291 -20.80 6.41 6.17
CA ALA C 291 -20.18 5.39 7.01
C ALA C 291 -21.18 4.79 7.99
N SER C 292 -22.05 5.62 8.56
CA SER C 292 -22.98 5.17 9.59
C SER C 292 -24.40 4.99 9.08
N GLY C 293 -24.74 5.59 7.95
CA GLY C 293 -26.10 5.60 7.46
C GLY C 293 -27.01 6.60 8.15
N GLN C 294 -26.51 7.34 9.13
CA GLN C 294 -27.35 8.25 9.91
C GLN C 294 -27.48 9.59 9.21
N CYS C 295 -28.61 10.25 9.43
CA CYS C 295 -28.88 11.53 8.79
C CYS C 295 -28.13 12.66 9.48
N LEU C 296 -27.46 13.49 8.70
CA LEU C 296 -26.77 14.67 9.23
C LEU C 296 -27.65 15.91 9.21
N LYS C 297 -28.48 16.07 8.17
CA LYS C 297 -29.26 17.29 8.01
C LYS C 297 -30.44 17.01 7.08
N THR C 298 -31.57 17.66 7.35
CA THR C 298 -32.68 17.67 6.41
C THR C 298 -32.78 19.04 5.75
N PRO C 305 -43.82 20.80 -2.00
CA PRO C 305 -43.53 20.48 -3.41
C PRO C 305 -42.47 19.39 -3.55
N PRO C 306 -42.72 18.38 -4.38
CA PRO C 306 -41.74 17.29 -4.52
C PRO C 306 -40.38 17.84 -4.93
N VAL C 307 -39.34 17.31 -4.29
CA VAL C 307 -37.98 17.55 -4.74
C VAL C 307 -37.64 16.45 -5.73
N SER C 308 -37.41 16.84 -7.00
CA SER C 308 -37.34 15.90 -8.11
C SER C 308 -35.93 15.54 -8.52
N PHE C 309 -34.93 16.31 -8.10
CA PHE C 309 -33.55 15.97 -8.41
C PHE C 309 -32.63 16.72 -7.46
N VAL C 310 -31.53 16.09 -7.07
CA VAL C 310 -30.47 16.73 -6.29
C VAL C 310 -29.12 16.20 -6.71
N LYS C 311 -28.10 17.05 -6.62
CA LYS C 311 -26.74 16.56 -6.78
C LYS C 311 -25.78 17.57 -6.15
N PHE C 312 -24.65 17.05 -5.67
CA PHE C 312 -23.58 17.92 -5.18
C PHE C 312 -22.91 18.64 -6.34
N SER C 313 -22.39 19.83 -6.06
CA SER C 313 -21.65 20.61 -7.02
C SER C 313 -20.25 20.06 -7.24
N PRO C 314 -19.58 20.46 -8.33
CA PRO C 314 -18.22 20.00 -8.58
C PRO C 314 -17.21 20.40 -7.52
N ASN C 315 -17.47 21.39 -6.67
CA ASN C 315 -16.53 21.71 -5.61
C ASN C 315 -16.95 21.13 -4.26
N GLY C 316 -17.99 20.29 -4.25
CA GLY C 316 -18.48 19.64 -3.05
C GLY C 316 -19.22 20.55 -2.08
N LYS C 317 -19.26 21.85 -2.36
CA LYS C 317 -19.77 22.84 -1.43
C LYS C 317 -21.28 22.96 -1.50
N TYR C 318 -21.86 22.75 -2.68
CA TYR C 318 -23.23 23.12 -2.94
C TYR C 318 -24.05 21.91 -3.34
N ILE C 319 -25.37 22.05 -3.23
CA ILE C 319 -26.30 21.06 -3.74
C ILE C 319 -27.27 21.78 -4.67
N LEU C 320 -27.37 21.28 -5.90
CA LEU C 320 -28.35 21.76 -6.86
C LEU C 320 -29.61 20.92 -6.69
N ALA C 321 -30.74 21.58 -6.46
CA ALA C 321 -32.00 20.89 -6.20
C ALA C 321 -33.09 21.39 -7.13
N ALA C 322 -33.79 20.46 -7.77
CA ALA C 322 -34.96 20.75 -8.57
C ALA C 322 -36.22 20.46 -7.77
N THR C 323 -37.24 21.31 -7.92
CA THR C 323 -38.56 21.08 -7.37
C THR C 323 -39.59 21.18 -8.49
N LEU C 324 -40.69 20.43 -8.35
CA LEU C 324 -41.69 20.34 -9.41
C LEU C 324 -42.59 21.56 -9.42
N ASP C 325 -41.99 22.74 -9.35
CA ASP C 325 -42.66 24.02 -9.54
C ASP C 325 -41.83 24.89 -10.45
N ASN C 326 -41.18 24.27 -11.44
CA ASN C 326 -40.43 24.97 -12.48
C ASN C 326 -39.26 25.75 -11.89
N THR C 327 -38.57 25.15 -10.92
CA THR C 327 -37.55 25.87 -10.17
C THR C 327 -36.36 24.97 -9.88
N LEU C 328 -35.16 25.51 -10.10
CA LEU C 328 -33.91 24.92 -9.68
C LEU C 328 -33.26 25.85 -8.67
N LYS C 329 -32.62 25.30 -7.63
CA LYS C 329 -31.98 26.10 -6.60
C LYS C 329 -30.61 25.55 -6.27
N LEU C 330 -29.65 26.46 -6.06
CA LEU C 330 -28.32 26.13 -5.62
C LEU C 330 -28.22 26.45 -4.13
N TRP C 331 -27.93 25.42 -3.33
CA TRP C 331 -27.91 25.53 -1.88
C TRP C 331 -26.48 25.37 -1.36
N ASP C 332 -26.12 26.21 -0.40
CA ASP C 332 -25.00 25.94 0.49
C ASP C 332 -25.54 25.06 1.61
N TYR C 333 -25.19 23.77 1.59
CA TYR C 333 -25.88 22.86 2.50
C TYR C 333 -25.40 22.98 3.93
N SER C 334 -24.13 23.32 4.14
CA SER C 334 -23.65 23.51 5.52
C SER C 334 -24.33 24.71 6.15
N LYS C 335 -24.42 25.82 5.41
CA LYS C 335 -25.19 26.97 5.88
C LYS C 335 -26.69 26.73 5.77
N GLY C 336 -27.11 25.75 4.97
CA GLY C 336 -28.53 25.49 4.79
C GLY C 336 -29.26 26.62 4.10
N LYS C 337 -28.57 27.38 3.24
CA LYS C 337 -29.13 28.59 2.64
C LYS C 337 -29.11 28.49 1.12
N CYS C 338 -30.17 29.02 0.50
CA CYS C 338 -30.25 29.08 -0.95
C CYS C 338 -29.45 30.27 -1.46
N LEU C 339 -28.57 30.03 -2.43
CA LEU C 339 -27.70 31.07 -2.98
C LEU C 339 -28.14 31.56 -4.35
N LYS C 340 -28.78 30.71 -5.14
CA LYS C 340 -29.15 31.02 -6.52
C LYS C 340 -30.43 30.28 -6.86
N THR C 341 -31.24 30.88 -7.72
CA THR C 341 -32.48 30.28 -8.20
C THR C 341 -32.55 30.47 -9.71
N TYR C 342 -32.95 29.42 -10.43
CA TYR C 342 -33.03 29.44 -11.87
C TYR C 342 -34.43 29.04 -12.29
N THR C 343 -35.05 29.85 -13.16
CA THR C 343 -36.42 29.65 -13.58
C THR C 343 -36.55 29.91 -15.08
N GLY C 344 -37.76 29.75 -15.60
CA GLY C 344 -38.06 30.02 -16.99
C GLY C 344 -38.28 28.79 -17.84
N HIS C 345 -37.87 27.62 -17.35
CA HIS C 345 -38.14 26.36 -17.98
C HIS C 345 -39.46 25.78 -17.45
N LYS C 346 -39.79 24.58 -17.90
CA LYS C 346 -41.04 23.92 -17.54
C LYS C 346 -40.71 22.60 -16.85
N ASN C 347 -41.08 22.50 -15.56
CA ASN C 347 -40.79 21.27 -14.82
C ASN C 347 -41.82 21.16 -13.70
N GLU C 348 -42.98 20.56 -14.03
CA GLU C 348 -44.01 20.26 -13.05
C GLU C 348 -44.47 18.81 -13.07
N LYS C 349 -43.97 18.00 -14.00
CA LYS C 349 -44.51 16.67 -14.22
C LYS C 349 -43.50 15.57 -14.00
N TYR C 350 -42.26 15.77 -14.45
CA TYR C 350 -41.26 14.72 -14.47
C TYR C 350 -40.06 15.11 -13.62
N CYS C 351 -39.39 14.10 -13.06
CA CYS C 351 -38.08 14.31 -12.48
C CYS C 351 -37.07 14.46 -13.62
N ILE C 352 -36.44 15.62 -13.71
CA ILE C 352 -35.53 15.93 -14.81
C ILE C 352 -34.15 16.15 -14.22
N PHE C 353 -33.15 15.51 -14.82
CA PHE C 353 -31.77 15.75 -14.43
C PHE C 353 -31.37 17.21 -14.66
N ALA C 354 -30.45 17.67 -13.82
CA ALA C 354 -29.81 18.96 -14.02
C ALA C 354 -28.31 18.80 -13.79
N ASN C 355 -27.52 19.69 -14.40
CA ASN C 355 -26.07 19.56 -14.37
C ASN C 355 -25.39 20.90 -14.12
N PHE C 356 -24.17 20.82 -13.59
CA PHE C 356 -23.21 21.90 -13.66
C PHE C 356 -22.35 21.71 -14.90
N SER C 357 -22.25 22.73 -15.75
CA SER C 357 -21.30 22.73 -16.85
C SER C 357 -20.09 23.57 -16.44
N VAL C 358 -18.91 22.95 -16.45
CA VAL C 358 -17.72 23.61 -15.92
C VAL C 358 -16.58 23.65 -16.91
N THR C 359 -16.74 23.07 -18.11
CA THR C 359 -15.60 22.98 -19.02
C THR C 359 -15.28 24.31 -19.66
N GLY C 360 -16.29 25.15 -19.87
CA GLY C 360 -16.08 26.50 -20.36
C GLY C 360 -16.70 27.49 -19.41
N GLY C 361 -17.73 28.21 -19.86
CA GLY C 361 -18.46 29.08 -18.95
C GLY C 361 -19.20 28.28 -17.90
N LYS C 362 -19.45 28.90 -16.75
CA LYS C 362 -20.03 28.18 -15.62
C LYS C 362 -21.55 28.25 -15.74
N TRP C 363 -22.15 27.19 -16.28
CA TRP C 363 -23.58 27.14 -16.51
C TRP C 363 -24.27 26.12 -15.61
N ILE C 364 -25.58 26.29 -15.50
CA ILE C 364 -26.52 25.26 -15.05
C ILE C 364 -27.26 24.78 -16.29
N VAL C 365 -27.40 23.46 -16.43
CA VAL C 365 -28.04 22.86 -17.61
C VAL C 365 -29.18 21.96 -17.14
N SER C 366 -30.34 22.06 -17.79
CA SER C 366 -31.45 21.18 -17.45
C SER C 366 -32.32 20.93 -18.67
N GLY C 367 -32.95 19.76 -18.71
CA GLY C 367 -34.03 19.54 -19.65
C GLY C 367 -35.29 20.22 -19.17
N SER C 368 -36.34 20.08 -19.96
CA SER C 368 -37.56 20.85 -19.75
C SER C 368 -38.72 20.17 -20.44
N GLU C 369 -39.92 20.41 -19.91
CA GLU C 369 -41.12 19.78 -20.44
C GLU C 369 -41.64 20.49 -21.70
N ASP C 370 -41.00 21.57 -22.12
CA ASP C 370 -41.32 22.20 -23.40
C ASP C 370 -40.35 21.77 -24.50
N ASN C 371 -39.66 20.64 -24.30
CA ASN C 371 -38.82 19.97 -25.30
C ASN C 371 -37.49 20.67 -25.53
N LEU C 372 -37.11 21.64 -24.70
CA LEU C 372 -35.88 22.42 -24.86
C LEU C 372 -34.85 22.03 -23.81
N VAL C 373 -33.58 22.28 -24.13
CA VAL C 373 -32.51 22.24 -23.13
C VAL C 373 -32.25 23.67 -22.69
N TYR C 374 -32.31 23.91 -21.38
CA TYR C 374 -32.07 25.22 -20.83
C TYR C 374 -30.65 25.31 -20.28
N ILE C 375 -29.99 26.43 -20.58
CA ILE C 375 -28.66 26.73 -20.05
C ILE C 375 -28.73 28.09 -19.37
N TRP C 376 -28.35 28.15 -18.09
CA TRP C 376 -28.32 29.39 -17.30
C TRP C 376 -26.90 29.76 -16.95
N ASN C 377 -26.63 31.07 -16.88
CA ASN C 377 -25.44 31.57 -16.20
C ASN C 377 -25.57 31.29 -14.71
N LEU C 378 -24.63 30.51 -14.15
CA LEU C 378 -24.76 30.09 -12.76
C LEU C 378 -24.79 31.30 -11.83
N GLN C 379 -23.96 32.31 -12.12
CA GLN C 379 -23.81 33.45 -11.23
C GLN C 379 -24.95 34.45 -11.37
N THR C 380 -25.31 34.81 -12.61
CA THR C 380 -26.30 35.86 -12.83
C THR C 380 -27.71 35.33 -12.86
N LYS C 381 -27.88 34.03 -13.05
CA LYS C 381 -29.15 33.31 -13.08
C LYS C 381 -29.93 33.55 -14.37
N GLU C 382 -29.39 34.30 -15.33
CA GLU C 382 -30.14 34.50 -16.56
C GLU C 382 -29.97 33.33 -17.53
N ILE C 383 -31.01 33.07 -18.30
CA ILE C 383 -30.92 32.08 -19.37
C ILE C 383 -29.98 32.60 -20.45
N VAL C 384 -29.01 31.78 -20.84
CA VAL C 384 -28.07 32.16 -21.88
C VAL C 384 -28.24 31.36 -23.17
N GLN C 385 -28.93 30.22 -23.13
CA GLN C 385 -29.24 29.50 -24.35
C GLN C 385 -30.39 28.54 -24.09
N LYS C 386 -31.19 28.32 -25.14
CA LYS C 386 -32.21 27.26 -25.16
C LYS C 386 -31.97 26.44 -26.42
N LEU C 387 -31.75 25.14 -26.26
CA LEU C 387 -31.43 24.28 -27.40
C LEU C 387 -32.70 23.62 -27.93
N GLN C 388 -33.03 23.94 -29.18
CA GLN C 388 -34.24 23.44 -29.82
C GLN C 388 -33.90 22.29 -30.76
N GLY C 389 -34.72 21.24 -30.70
CA GLY C 389 -34.53 20.10 -31.60
C GLY C 389 -35.36 18.90 -31.25
N HIS C 390 -35.42 18.58 -29.95
CA HIS C 390 -36.20 17.43 -29.52
C HIS C 390 -37.69 17.66 -29.73
N THR C 391 -38.42 16.55 -29.84
CA THR C 391 -39.86 16.58 -30.09
C THR C 391 -40.66 15.99 -28.93
N ASP C 392 -40.04 15.84 -27.76
CA ASP C 392 -40.75 15.44 -26.55
C ASP C 392 -39.94 15.99 -25.38
N VAL C 393 -40.43 15.71 -24.17
CA VAL C 393 -39.81 16.20 -22.94
C VAL C 393 -38.34 15.80 -22.89
N VAL C 394 -37.48 16.77 -22.59
CA VAL C 394 -36.05 16.48 -22.43
C VAL C 394 -35.87 16.05 -20.98
N ILE C 395 -35.81 14.74 -20.78
CA ILE C 395 -35.85 14.15 -19.45
C ILE C 395 -34.45 14.14 -18.83
N SER C 396 -33.42 14.12 -19.66
CA SER C 396 -32.07 13.94 -19.16
C SER C 396 -31.10 14.76 -20.00
N THR C 397 -30.12 15.36 -19.33
CA THR C 397 -29.00 16.04 -19.94
C THR C 397 -27.75 15.64 -19.19
N ALA C 398 -26.60 15.78 -19.86
CA ALA C 398 -25.31 15.50 -19.26
C ALA C 398 -24.25 16.37 -19.92
N CYS C 399 -23.19 16.67 -19.18
CA CYS C 399 -22.12 17.56 -19.64
C CYS C 399 -20.82 16.78 -19.70
N HIS C 400 -20.11 16.90 -20.82
CA HIS C 400 -18.87 16.17 -21.00
C HIS C 400 -17.84 16.62 -19.97
N PRO C 401 -16.99 15.71 -19.46
CA PRO C 401 -16.10 16.08 -18.35
C PRO C 401 -14.96 17.02 -18.75
N THR C 402 -14.57 17.09 -20.01
CA THR C 402 -13.48 17.99 -20.38
C THR C 402 -13.76 18.86 -21.59
N GLU C 403 -14.68 18.48 -22.47
CA GLU C 403 -14.99 19.26 -23.67
C GLU C 403 -16.35 19.91 -23.51
N ASN C 404 -16.58 20.98 -24.29
CA ASN C 404 -17.86 21.70 -24.25
C ASN C 404 -18.89 20.94 -25.09
N ILE C 405 -19.44 19.89 -24.49
CA ILE C 405 -20.34 18.98 -25.18
C ILE C 405 -21.47 18.63 -24.22
N ILE C 406 -22.71 18.78 -24.69
CA ILE C 406 -23.89 18.40 -23.94
C ILE C 406 -24.58 17.26 -24.67
N ALA C 407 -25.00 16.25 -23.91
CA ALA C 407 -25.91 15.22 -24.39
C ALA C 407 -27.28 15.44 -23.78
N SER C 408 -28.33 15.20 -24.58
CA SER C 408 -29.70 15.33 -24.10
C SER C 408 -30.53 14.17 -24.62
N ALA C 409 -31.59 13.80 -23.88
CA ALA C 409 -32.41 12.67 -24.25
C ALA C 409 -33.88 12.96 -23.98
N ALA C 410 -34.75 12.39 -24.80
CA ALA C 410 -36.16 12.75 -24.77
C ALA C 410 -37.07 11.52 -24.64
N LEU C 411 -38.34 11.82 -24.35
CA LEU C 411 -39.35 10.79 -24.10
C LEU C 411 -39.93 10.23 -25.39
N GLU C 412 -41.12 9.62 -25.28
CA GLU C 412 -41.60 8.59 -26.21
C GLU C 412 -41.79 9.09 -27.63
N ASN C 413 -42.25 10.33 -27.80
CA ASN C 413 -42.49 10.80 -29.16
C ASN C 413 -41.19 11.08 -29.90
N ASP C 414 -40.07 11.04 -29.21
CA ASP C 414 -38.76 11.38 -29.76
C ASP C 414 -37.84 10.17 -29.69
N LYS C 415 -37.48 9.71 -28.49
CA LYS C 415 -36.67 8.52 -28.27
C LYS C 415 -35.25 8.63 -28.76
N THR C 416 -34.74 9.83 -29.02
CA THR C 416 -33.36 9.99 -29.47
C THR C 416 -32.53 10.74 -28.44
N ILE C 417 -31.22 10.63 -28.63
CA ILE C 417 -30.23 11.36 -27.86
C ILE C 417 -29.59 12.34 -28.82
N LYS C 418 -29.38 13.58 -28.38
CA LYS C 418 -28.71 14.56 -29.22
C LYS C 418 -27.42 15.02 -28.57
N LEU C 419 -26.40 15.23 -29.39
CA LEU C 419 -25.11 15.74 -28.96
C LEU C 419 -24.92 17.13 -29.51
N TRP C 420 -24.62 18.08 -28.63
CA TRP C 420 -24.49 19.49 -28.97
C TRP C 420 -23.10 19.95 -28.57
N LYS C 421 -22.46 20.77 -29.39
CA LYS C 421 -21.11 21.23 -29.13
C LYS C 421 -21.07 22.75 -29.20
N SER C 422 -20.26 23.33 -28.31
CA SER C 422 -20.08 24.76 -28.19
C SER C 422 -18.61 25.09 -28.37
N ASP C 423 -18.35 26.27 -28.94
CA ASP C 423 -16.97 26.75 -29.04
C ASP C 423 -16.45 27.32 -27.72
N CYS C 424 -17.30 27.45 -26.70
CA CYS C 424 -16.89 28.01 -25.41
C CYS C 424 -17.79 27.56 -24.27
N PRO D 123 5.23 -6.54 8.79
CA PRO D 123 5.59 -7.73 8.01
C PRO D 123 4.84 -7.78 6.69
N ASN D 124 5.24 -8.68 5.80
CA ASN D 124 4.60 -8.82 4.49
C ASN D 124 4.48 -10.29 4.13
N TYR D 125 3.97 -11.06 5.09
CA TYR D 125 3.69 -12.47 4.85
C TYR D 125 2.84 -12.65 3.60
N ALA D 126 3.31 -13.53 2.73
CA ALA D 126 2.68 -13.81 1.44
C ALA D 126 2.57 -15.33 1.28
N LEU D 127 1.46 -15.77 0.71
CA LEU D 127 1.24 -17.19 0.51
C LEU D 127 2.27 -17.75 -0.46
N LYS D 128 2.97 -18.80 -0.02
CA LYS D 128 3.94 -19.46 -0.89
C LYS D 128 3.52 -20.89 -1.27
N PHE D 129 2.89 -21.62 -0.36
CA PHE D 129 2.51 -22.99 -0.65
C PHE D 129 1.22 -23.33 0.06
N THR D 130 0.43 -24.19 -0.57
CA THR D 130 -0.78 -24.74 0.01
C THR D 130 -0.64 -26.25 0.04
N LEU D 131 -0.85 -26.83 1.22
CA LEU D 131 -0.54 -28.22 1.53
C LEU D 131 -1.84 -28.98 1.63
N ALA D 132 -2.13 -29.81 0.63
CA ALA D 132 -3.34 -30.59 0.56
C ALA D 132 -3.02 -32.05 0.84
N GLY D 133 -3.98 -32.73 1.45
CA GLY D 133 -3.85 -34.15 1.69
C GLY D 133 -4.80 -34.66 2.76
N HIS D 134 -5.08 -33.82 3.76
CA HIS D 134 -6.01 -34.28 4.80
C HIS D 134 -7.42 -34.31 4.24
N THR D 135 -8.20 -35.30 4.68
CA THR D 135 -9.54 -35.51 4.14
C THR D 135 -10.64 -35.03 5.07
N LYS D 136 -10.26 -34.51 6.23
CA LYS D 136 -11.16 -33.83 7.15
C LYS D 136 -10.43 -32.61 7.70
N ALA D 137 -11.09 -31.88 8.60
CA ALA D 137 -10.51 -30.66 9.15
C ALA D 137 -9.12 -30.91 9.72
N VAL D 138 -8.22 -29.95 9.47
CA VAL D 138 -6.91 -29.96 10.12
C VAL D 138 -7.08 -29.38 11.52
N SER D 139 -6.50 -30.04 12.52
CA SER D 139 -6.67 -29.62 13.92
C SER D 139 -5.50 -28.85 14.49
N SER D 140 -4.27 -29.10 14.02
CA SER D 140 -3.10 -28.45 14.59
CA SER D 140 -3.10 -28.45 14.59
C SER D 140 -1.93 -28.58 13.62
N VAL D 141 -1.08 -27.56 13.58
CA VAL D 141 0.18 -27.60 12.85
C VAL D 141 1.27 -27.09 13.78
N LYS D 142 2.45 -27.72 13.71
CA LYS D 142 3.58 -27.37 14.57
C LYS D 142 4.89 -27.54 13.80
N PHE D 143 5.77 -26.54 13.89
CA PHE D 143 7.11 -26.67 13.30
C PHE D 143 8.04 -27.44 14.23
N SER D 144 8.84 -28.29 13.63
CA SER D 144 9.85 -29.00 14.40
C SER D 144 10.89 -28.01 14.93
N PRO D 145 11.41 -28.22 16.14
CA PRO D 145 12.39 -27.27 16.68
C PRO D 145 13.63 -27.09 15.81
N ASN D 146 14.03 -28.10 15.01
CA ASN D 146 15.18 -27.92 14.15
C ASN D 146 14.85 -27.21 12.84
N GLY D 147 13.60 -26.79 12.64
CA GLY D 147 13.20 -26.00 11.50
C GLY D 147 12.96 -26.78 10.23
N GLU D 148 13.18 -28.09 10.26
CA GLU D 148 13.13 -28.86 9.02
C GLU D 148 11.72 -29.23 8.61
N TRP D 149 10.80 -29.36 9.57
CA TRP D 149 9.55 -30.06 9.32
C TRP D 149 8.38 -29.31 9.89
N LEU D 150 7.22 -29.54 9.26
CA LEU D 150 5.92 -29.17 9.80
C LEU D 150 5.13 -30.44 10.02
N ALA D 151 4.56 -30.60 11.23
CA ALA D 151 3.65 -31.70 11.48
C ALA D 151 2.22 -31.17 11.55
N SER D 152 1.30 -31.91 10.96
CA SER D 152 -0.12 -31.58 11.02
C SER D 152 -0.92 -32.76 11.56
N SER D 153 -1.96 -32.45 12.32
CA SER D 153 -2.91 -33.44 12.78
C SER D 153 -4.30 -33.09 12.25
N SER D 154 -5.20 -34.07 12.26
CA SER D 154 -6.48 -33.90 11.59
C SER D 154 -7.54 -34.80 12.19
N ALA D 155 -8.79 -34.37 12.01
CA ALA D 155 -9.94 -35.19 12.33
C ALA D 155 -9.97 -36.48 11.51
N ASP D 156 -9.18 -36.55 10.43
CA ASP D 156 -9.12 -37.75 9.62
C ASP D 156 -8.25 -38.86 10.21
N LYS D 157 -7.86 -38.73 11.49
CA LYS D 157 -7.10 -39.71 12.27
C LYS D 157 -5.63 -39.76 11.89
N LEU D 158 -5.15 -38.90 11.00
CA LEU D 158 -3.78 -38.96 10.51
C LEU D 158 -2.93 -37.80 10.99
N ILE D 159 -1.63 -38.08 11.08
CA ILE D 159 -0.58 -37.07 11.19
C ILE D 159 0.13 -37.02 9.85
N LYS D 160 0.40 -35.82 9.35
CA LYS D 160 1.22 -35.69 8.15
C LYS D 160 2.45 -34.83 8.43
N ILE D 161 3.57 -35.21 7.82
CA ILE D 161 4.83 -34.48 7.92
C ILE D 161 5.11 -33.83 6.58
N TRP D 162 5.52 -32.56 6.61
CA TRP D 162 5.74 -31.75 5.43
C TRP D 162 7.07 -31.02 5.56
N GLY D 163 7.67 -30.66 4.43
CA GLY D 163 8.85 -29.81 4.47
C GLY D 163 8.49 -28.42 4.99
N ALA D 164 9.29 -27.92 5.94
CA ALA D 164 8.94 -26.65 6.58
C ALA D 164 9.11 -25.47 5.65
N TYR D 165 10.01 -25.57 4.68
CA TYR D 165 10.35 -24.44 3.82
C TYR D 165 9.59 -24.47 2.50
N ASP D 166 9.24 -25.66 2.00
CA ASP D 166 8.56 -25.76 0.71
C ASP D 166 7.25 -26.54 0.79
N GLY D 167 6.83 -26.95 1.98
CA GLY D 167 5.57 -27.67 2.11
C GLY D 167 5.55 -29.03 1.45
N LYS D 168 6.71 -29.59 1.11
CA LYS D 168 6.73 -30.85 0.38
C LYS D 168 6.23 -31.98 1.26
N PHE D 169 5.28 -32.76 0.75
CA PHE D 169 4.78 -33.89 1.52
C PHE D 169 5.89 -34.90 1.76
N GLU D 170 6.06 -35.29 3.02
CA GLU D 170 7.05 -36.27 3.42
C GLU D 170 6.43 -37.62 3.77
N LYS D 171 5.45 -37.66 4.68
CA LYS D 171 4.88 -38.94 5.07
C LYS D 171 3.58 -38.76 5.83
N THR D 172 2.82 -39.84 5.89
CA THR D 172 1.65 -39.95 6.75
C THR D 172 1.97 -40.91 7.89
N ILE D 173 1.57 -40.52 9.09
CA ILE D 173 1.73 -41.34 10.28
C ILE D 173 0.34 -41.74 10.77
N SER D 174 0.11 -43.04 10.86
CA SER D 174 -1.23 -43.57 11.10
C SER D 174 -1.23 -44.52 12.29
N GLY D 175 -2.38 -44.61 12.95
CA GLY D 175 -2.53 -45.56 14.04
C GLY D 175 -3.63 -45.23 15.04
N HIS D 176 -3.95 -43.95 15.22
CA HIS D 176 -5.06 -43.60 16.08
C HIS D 176 -6.37 -44.10 15.49
N LYS D 177 -7.28 -44.48 16.36
CA LYS D 177 -8.56 -45.05 15.95
C LYS D 177 -9.66 -44.00 15.78
N LEU D 178 -9.48 -42.81 16.32
CA LEU D 178 -10.37 -41.68 16.11
C LEU D 178 -9.54 -40.45 15.78
N GLY D 179 -10.21 -39.32 15.59
CA GLY D 179 -9.53 -38.10 15.19
C GLY D 179 -8.51 -37.62 16.20
N ILE D 180 -7.61 -36.78 15.72
CA ILE D 180 -6.52 -36.21 16.51
C ILE D 180 -6.76 -34.73 16.67
N SER D 181 -6.63 -34.22 17.90
CA SER D 181 -6.80 -32.81 18.20
C SER D 181 -5.49 -32.04 18.17
N ASP D 182 -4.37 -32.68 18.48
CA ASP D 182 -3.14 -31.94 18.76
C ASP D 182 -1.95 -32.86 18.55
N VAL D 183 -0.80 -32.25 18.25
CA VAL D 183 0.44 -32.98 18.07
C VAL D 183 1.56 -32.03 18.48
N ALA D 184 2.65 -32.58 18.97
CA ALA D 184 3.73 -31.73 19.46
C ALA D 184 5.06 -32.45 19.31
N TRP D 185 6.12 -31.68 19.11
CA TRP D 185 7.47 -32.17 18.89
C TRP D 185 8.31 -32.25 20.16
N SER D 186 9.18 -33.25 20.22
CA SER D 186 10.25 -33.25 21.22
C SER D 186 11.33 -32.24 20.84
N SER D 187 12.15 -31.87 21.83
CA SER D 187 13.14 -30.82 21.63
C SER D 187 14.14 -31.17 20.54
N ASP D 188 14.46 -32.45 20.39
CA ASP D 188 15.45 -32.86 19.40
C ASP D 188 14.82 -33.17 18.04
N SER D 189 13.52 -32.91 17.88
CA SER D 189 12.76 -33.08 16.64
C SER D 189 12.62 -34.54 16.22
N ASN D 190 12.97 -35.50 17.08
CA ASN D 190 12.94 -36.90 16.69
C ASN D 190 11.63 -37.58 17.04
N LEU D 191 10.89 -37.04 18.00
CA LEU D 191 9.65 -37.67 18.45
C LEU D 191 8.48 -36.71 18.29
N LEU D 192 7.29 -37.29 18.12
CA LEU D 192 6.04 -36.56 18.16
C LEU D 192 5.14 -37.22 19.20
N VAL D 193 4.28 -36.42 19.82
CA VAL D 193 3.17 -36.97 20.60
C VAL D 193 1.87 -36.41 20.02
N SER D 194 0.84 -37.25 19.95
CA SER D 194 -0.46 -36.84 19.44
C SER D 194 -1.51 -37.12 20.50
N ALA D 195 -2.57 -36.31 20.50
CA ALA D 195 -3.69 -36.45 21.42
C ALA D 195 -4.95 -36.69 20.62
N SER D 196 -5.71 -37.73 21.00
CA SER D 196 -6.78 -38.23 20.14
C SER D 196 -8.09 -38.44 20.91
N ASP D 197 -9.19 -38.40 20.16
CA ASP D 197 -10.50 -38.77 20.68
C ASP D 197 -10.60 -40.24 21.05
N ASP D 198 -9.63 -41.08 20.64
CA ASP D 198 -9.65 -42.45 21.16
C ASP D 198 -9.20 -42.55 22.63
N LYS D 199 -9.02 -41.42 23.31
CA LYS D 199 -8.70 -41.30 24.75
C LYS D 199 -7.23 -41.60 25.03
N THR D 200 -6.40 -41.74 24.02
CA THR D 200 -4.98 -42.01 24.19
C THR D 200 -4.15 -40.88 23.61
N LEU D 201 -2.90 -40.84 24.06
CA LEU D 201 -1.84 -40.16 23.33
C LEU D 201 -0.94 -41.23 22.74
N LYS D 202 -0.27 -40.90 21.65
CA LYS D 202 0.71 -41.79 21.07
C LYS D 202 2.02 -41.06 20.91
N ILE D 203 3.12 -41.72 21.30
CA ILE D 203 4.48 -41.24 21.05
C ILE D 203 4.97 -41.90 19.77
N TRP D 204 5.46 -41.10 18.83
CA TRP D 204 5.87 -41.59 17.53
C TRP D 204 7.36 -41.32 17.30
N ASP D 205 8.04 -42.29 16.70
CA ASP D 205 9.35 -42.04 16.11
C ASP D 205 9.13 -41.48 14.70
N VAL D 206 9.53 -40.23 14.48
CA VAL D 206 9.18 -39.56 13.22
C VAL D 206 9.89 -40.22 12.05
N SER D 207 11.15 -40.62 12.24
CA SER D 207 11.93 -41.25 11.17
C SER D 207 11.24 -42.49 10.64
N SER D 208 10.81 -43.38 11.54
CA SER D 208 10.18 -44.61 11.11
C SER D 208 8.69 -44.45 10.89
N GLY D 209 8.08 -43.40 11.45
CA GLY D 209 6.64 -43.26 11.44
C GLY D 209 5.90 -44.25 12.31
N LYS D 210 6.61 -44.96 13.20
CA LYS D 210 6.05 -46.01 14.03
C LYS D 210 5.71 -45.48 15.42
N CYS D 211 4.68 -46.08 16.03
CA CYS D 211 4.25 -45.76 17.38
C CYS D 211 5.18 -46.42 18.38
N LEU D 212 5.81 -45.61 19.24
CA LEU D 212 6.67 -46.16 20.29
C LEU D 212 5.87 -46.55 21.52
N LYS D 213 4.93 -45.69 21.94
CA LYS D 213 4.16 -45.90 23.15
C LYS D 213 2.75 -45.38 22.94
N THR D 214 1.79 -46.04 23.58
CA THR D 214 0.43 -45.53 23.67
C THR D 214 0.16 -45.17 25.13
N LEU D 215 -0.21 -43.91 25.37
CA LEU D 215 -0.39 -43.37 26.71
C LEU D 215 -1.85 -43.50 27.09
N LYS D 216 -2.15 -44.43 28.00
CA LYS D 216 -3.51 -44.76 28.38
C LYS D 216 -3.79 -44.31 29.81
N GLY D 217 -4.96 -43.70 30.00
CA GLY D 217 -5.39 -43.32 31.34
C GLY D 217 -6.51 -42.31 31.34
N HIS D 218 -6.50 -41.40 30.36
CA HIS D 218 -7.60 -40.45 30.24
C HIS D 218 -8.91 -41.18 29.99
N SER D 219 -10.00 -40.64 30.51
CA SER D 219 -11.32 -41.27 30.41
C SER D 219 -12.22 -40.58 29.38
N ASN D 220 -11.66 -39.65 28.61
CA ASN D 220 -12.40 -38.95 27.57
C ASN D 220 -11.37 -38.43 26.59
N TYR D 221 -11.84 -37.69 25.58
CA TYR D 221 -10.96 -37.20 24.53
C TYR D 221 -9.74 -36.50 25.11
N VAL D 222 -8.57 -36.80 24.57
CA VAL D 222 -7.37 -36.02 24.88
C VAL D 222 -7.30 -34.88 23.88
N PHE D 223 -7.23 -33.66 24.39
CA PHE D 223 -7.36 -32.49 23.52
C PHE D 223 -6.03 -31.83 23.20
N CYS D 224 -5.10 -31.82 24.15
CA CYS D 224 -3.89 -31.02 24.01
C CYS D 224 -2.71 -31.75 24.63
N CYS D 225 -1.52 -31.42 24.16
CA CYS D 225 -0.31 -32.12 24.60
C CYS D 225 0.92 -31.28 24.31
N ASN D 226 1.99 -31.56 25.05
CA ASN D 226 3.27 -30.90 24.88
C ASN D 226 4.35 -31.72 25.59
N PHE D 227 5.54 -31.76 25.01
CA PHE D 227 6.73 -32.23 25.71
C PHE D 227 7.27 -31.12 26.61
N ASN D 228 8.00 -31.50 27.65
CA ASN D 228 8.80 -30.51 28.36
C ASN D 228 10.12 -30.31 27.61
N PRO D 229 10.86 -29.24 27.91
CA PRO D 229 12.07 -28.97 27.12
C PRO D 229 13.10 -30.08 27.21
N GLN D 230 13.27 -30.68 28.39
CA GLN D 230 14.14 -31.84 28.51
C GLN D 230 13.60 -33.02 27.70
N SER D 231 12.28 -33.04 27.47
CA SER D 231 11.56 -34.02 26.67
C SER D 231 11.54 -35.42 27.28
N ASN D 232 11.81 -35.52 28.58
CA ASN D 232 11.55 -36.76 29.29
C ASN D 232 10.10 -36.87 29.74
N LEU D 233 9.33 -35.78 29.66
CA LEU D 233 7.95 -35.76 30.13
C LEU D 233 7.03 -35.25 29.04
N ILE D 234 5.79 -35.74 29.08
CA ILE D 234 4.71 -35.19 28.28
C ILE D 234 3.60 -34.77 29.23
N VAL D 235 2.97 -33.64 28.92
CA VAL D 235 1.78 -33.18 29.62
C VAL D 235 0.61 -33.22 28.66
N SER D 236 -0.56 -33.59 29.16
CA SER D 236 -1.75 -33.72 28.35
C SER D 236 -2.94 -33.16 29.10
N GLY D 237 -3.91 -32.67 28.33
CA GLY D 237 -5.16 -32.19 28.89
C GLY D 237 -6.33 -32.84 28.20
N SER D 238 -7.41 -33.07 28.95
CA SER D 238 -8.48 -33.89 28.43
C SER D 238 -9.85 -33.31 28.74
N PHE D 239 -10.82 -33.74 27.93
CA PHE D 239 -12.22 -33.50 28.23
C PHE D 239 -12.64 -34.13 29.54
N ASP D 240 -11.83 -35.02 30.10
CA ASP D 240 -12.14 -35.56 31.42
C ASP D 240 -11.78 -34.60 32.54
N GLU D 241 -11.35 -33.39 32.21
CA GLU D 241 -11.09 -32.27 33.13
C GLU D 241 -9.78 -32.48 33.88
N SER D 242 -8.98 -33.46 33.50
CA SER D 242 -7.71 -33.70 34.15
C SER D 242 -6.56 -33.27 33.28
N VAL D 243 -5.44 -33.03 33.94
CA VAL D 243 -4.14 -32.89 33.29
C VAL D 243 -3.30 -34.08 33.75
N ARG D 244 -2.64 -34.75 32.81
CA ARG D 244 -1.77 -35.86 33.17
C ARG D 244 -0.34 -35.58 32.73
N ILE D 245 0.59 -36.09 33.51
CA ILE D 245 2.02 -35.96 33.26
C ILE D 245 2.56 -37.37 33.04
N TRP D 246 3.22 -37.57 31.92
CA TRP D 246 3.64 -38.90 31.47
C TRP D 246 5.14 -38.98 31.36
N ASP D 247 5.69 -40.16 31.65
CA ASP D 247 7.10 -40.44 31.42
C ASP D 247 7.29 -40.92 29.98
N VAL D 248 8.12 -40.23 29.20
CA VAL D 248 8.30 -40.57 27.79
C VAL D 248 8.92 -41.96 27.63
N LYS D 249 9.86 -42.31 28.51
CA LYS D 249 10.62 -43.55 28.34
C LYS D 249 9.77 -44.78 28.60
N THR D 250 8.99 -44.77 29.68
CA THR D 250 8.14 -45.92 30.02
C THR D 250 6.76 -45.85 29.40
N GLY D 251 6.34 -44.67 28.94
CA GLY D 251 4.98 -44.53 28.46
C GLY D 251 3.92 -44.62 29.53
N LYS D 252 4.30 -44.39 30.79
CA LYS D 252 3.38 -44.52 31.91
C LYS D 252 3.01 -43.15 32.45
N CYS D 253 1.84 -43.09 33.07
CA CYS D 253 1.38 -41.86 33.71
C CYS D 253 2.04 -41.72 35.07
N LEU D 254 2.68 -40.58 35.29
CA LEU D 254 3.35 -40.28 36.55
C LEU D 254 2.41 -39.57 37.52
N LYS D 255 1.59 -38.64 37.04
CA LYS D 255 0.72 -37.85 37.91
C LYS D 255 -0.57 -37.51 37.18
N THR D 256 -1.68 -37.57 37.91
CA THR D 256 -2.96 -37.11 37.42
C THR D 256 -3.38 -35.91 38.25
N LEU D 257 -3.52 -34.76 37.61
CA LEU D 257 -3.91 -33.54 38.32
C LEU D 257 -5.39 -33.29 38.13
N PRO D 258 -6.18 -33.15 39.20
CA PRO D 258 -7.59 -32.77 39.03
C PRO D 258 -7.72 -31.28 38.75
N ALA D 259 -7.29 -30.89 37.55
CA ALA D 259 -6.91 -29.51 37.29
C ALA D 259 -8.09 -28.57 37.16
N HIS D 260 -9.20 -29.03 36.60
CA HIS D 260 -10.25 -28.12 36.17
C HIS D 260 -11.59 -28.81 36.35
N SER D 261 -12.65 -28.03 36.19
CA SER D 261 -14.01 -28.54 36.33
C SER D 261 -14.76 -28.54 35.01
N ASP D 262 -14.01 -28.44 33.91
CA ASP D 262 -14.52 -28.53 32.55
C ASP D 262 -13.36 -28.96 31.67
N PRO D 263 -13.59 -29.25 30.40
CA PRO D 263 -12.49 -29.73 29.55
C PRO D 263 -11.29 -28.79 29.56
N VAL D 264 -10.11 -29.38 29.44
CA VAL D 264 -8.85 -28.64 29.45
C VAL D 264 -8.53 -28.25 28.02
N SER D 265 -8.32 -26.94 27.79
CA SER D 265 -8.13 -26.42 26.45
C SER D 265 -6.68 -26.26 26.03
N ALA D 266 -5.73 -26.16 26.97
CA ALA D 266 -4.33 -26.08 26.61
C ALA D 266 -3.48 -26.50 27.80
N VAL D 267 -2.31 -27.05 27.49
CA VAL D 267 -1.28 -27.34 28.47
C VAL D 267 0.07 -27.00 27.86
N HIS D 268 0.96 -26.41 28.66
CA HIS D 268 2.25 -25.99 28.16
C HIS D 268 3.25 -25.93 29.31
N PHE D 269 4.47 -26.41 29.05
CA PHE D 269 5.58 -26.27 30.00
C PHE D 269 6.31 -24.95 29.80
N ASN D 270 6.89 -24.43 30.88
CA ASN D 270 7.79 -23.29 30.79
C ASN D 270 9.18 -23.80 30.38
N ARG D 271 10.18 -22.92 30.36
CA ARG D 271 11.37 -23.21 29.56
C ARG D 271 12.36 -24.16 30.23
N ASP D 272 12.23 -24.43 31.53
CA ASP D 272 13.01 -25.46 32.18
C ASP D 272 12.11 -26.60 32.65
N GLY D 273 10.85 -26.59 32.23
CA GLY D 273 9.90 -27.64 32.56
C GLY D 273 9.47 -27.71 34.01
N SER D 274 9.81 -26.72 34.83
CA SER D 274 9.41 -26.79 36.23
C SER D 274 7.93 -26.45 36.44
N LEU D 275 7.30 -25.78 35.46
CA LEU D 275 5.93 -25.30 35.57
C LEU D 275 5.11 -25.80 34.39
N ILE D 276 3.83 -26.04 34.64
CA ILE D 276 2.83 -26.31 33.62
C ILE D 276 1.76 -25.24 33.73
N VAL D 277 1.40 -24.61 32.61
CA VAL D 277 0.22 -23.73 32.58
C VAL D 277 -0.90 -24.48 31.89
N SER D 278 -2.10 -24.40 32.46
CA SER D 278 -3.27 -25.07 31.91
C SER D 278 -4.42 -24.08 31.83
N SER D 279 -5.36 -24.36 30.92
CA SER D 279 -6.56 -23.54 30.76
C SER D 279 -7.75 -24.45 30.52
N SER D 280 -8.95 -23.89 30.69
CA SER D 280 -10.16 -24.71 30.64
C SER D 280 -11.38 -23.84 30.36
N TYR D 281 -12.40 -24.49 29.82
CA TYR D 281 -13.71 -23.88 29.68
C TYR D 281 -14.36 -23.57 31.01
N ASP D 282 -13.77 -24.02 32.14
CA ASP D 282 -14.28 -23.56 33.43
C ASP D 282 -13.93 -22.11 33.70
N GLY D 283 -13.20 -21.45 32.79
CA GLY D 283 -12.87 -20.05 32.92
C GLY D 283 -11.56 -19.78 33.64
N LEU D 284 -10.81 -20.81 33.96
CA LEU D 284 -9.63 -20.66 34.79
C LEU D 284 -8.37 -20.90 33.99
N CYS D 285 -7.31 -20.23 34.43
CA CYS D 285 -5.95 -20.55 34.03
CA CYS D 285 -5.94 -20.55 34.04
C CYS D 285 -5.15 -20.83 35.30
N ARG D 286 -4.47 -21.97 35.34
CA ARG D 286 -3.73 -22.37 36.52
C ARG D 286 -2.30 -22.72 36.18
N ILE D 287 -1.41 -22.48 37.13
CA ILE D 287 0.00 -22.82 36.98
C ILE D 287 0.34 -23.88 38.02
N TRP D 288 0.97 -24.96 37.55
CA TRP D 288 1.24 -26.15 38.33
C TRP D 288 2.74 -26.36 38.51
N ASP D 289 3.12 -26.85 39.68
CA ASP D 289 4.49 -27.25 39.94
C ASP D 289 4.69 -28.66 39.40
N THR D 290 5.49 -28.79 38.33
CA THR D 290 5.65 -30.07 37.67
C THR D 290 6.07 -31.18 38.63
N ALA D 291 7.06 -30.90 39.47
CA ALA D 291 7.66 -31.96 40.27
C ALA D 291 6.70 -32.53 41.31
N SER D 292 5.82 -31.70 41.87
CA SER D 292 4.90 -32.15 42.90
C SER D 292 3.47 -32.30 42.39
N GLY D 293 3.14 -31.73 41.24
CA GLY D 293 1.76 -31.76 40.79
C GLY D 293 0.83 -30.82 41.51
N GLN D 294 1.34 -29.97 42.40
CA GLN D 294 0.48 -29.07 43.17
C GLN D 294 0.34 -27.73 42.47
N CYS D 295 -0.79 -27.06 42.75
CA CYS D 295 -1.10 -25.79 42.09
C CYS D 295 -0.36 -24.66 42.78
N LEU D 296 0.36 -23.86 41.99
CA LEU D 296 1.07 -22.71 42.51
C LEU D 296 0.24 -21.43 42.48
N LYS D 297 -0.59 -21.28 41.46
CA LYS D 297 -1.28 -20.01 41.22
C LYS D 297 -2.49 -20.29 40.34
N THR D 298 -3.57 -19.55 40.59
CA THR D 298 -4.72 -19.54 39.70
C THR D 298 -4.90 -18.13 39.14
N PRO D 305 -16.06 -16.60 31.28
CA PRO D 305 -15.65 -16.80 29.88
C PRO D 305 -14.62 -17.90 29.75
N PRO D 306 -14.84 -18.88 28.88
CA PRO D 306 -13.88 -20.00 28.77
C PRO D 306 -12.51 -19.48 28.34
N VAL D 307 -11.48 -20.00 29.00
CA VAL D 307 -10.10 -19.73 28.57
C VAL D 307 -9.74 -20.82 27.57
N SER D 308 -9.56 -20.42 26.31
CA SER D 308 -9.52 -21.38 25.21
C SER D 308 -8.11 -21.76 24.79
N PHE D 309 -7.09 -21.01 25.23
CA PHE D 309 -5.71 -21.34 24.89
C PHE D 309 -4.80 -20.60 25.86
N VAL D 310 -3.70 -21.25 26.24
CA VAL D 310 -2.63 -20.59 26.96
C VAL D 310 -1.30 -21.15 26.53
N LYS D 311 -0.24 -20.36 26.68
CA LYS D 311 1.12 -20.88 26.57
C LYS D 311 2.10 -19.85 27.11
N PHE D 312 3.23 -20.34 27.60
CA PHE D 312 4.29 -19.46 28.09
C PHE D 312 4.94 -18.71 26.93
N SER D 313 5.42 -17.50 27.24
CA SER D 313 6.16 -16.70 26.31
C SER D 313 7.57 -17.26 26.07
N PRO D 314 8.24 -16.82 25.00
CA PRO D 314 9.60 -17.32 24.72
C PRO D 314 10.65 -16.95 25.75
N ASN D 315 10.42 -15.92 26.57
CA ASN D 315 11.35 -15.66 27.67
C ASN D 315 10.90 -16.29 28.98
N GLY D 316 9.80 -17.04 28.97
CA GLY D 316 9.33 -17.71 30.16
C GLY D 316 8.62 -16.85 31.19
N LYS D 317 8.58 -15.53 30.99
CA LYS D 317 8.03 -14.62 32.00
C LYS D 317 6.53 -14.42 31.85
N TYR D 318 5.99 -14.56 30.64
CA TYR D 318 4.61 -14.21 30.38
C TYR D 318 3.80 -15.43 30.00
N ILE D 319 2.49 -15.29 30.09
CA ILE D 319 1.54 -16.26 29.56
C ILE D 319 0.60 -15.52 28.61
N LEU D 320 0.47 -16.05 27.40
CA LEU D 320 -0.50 -15.56 26.44
C LEU D 320 -1.76 -16.40 26.59
N ALA D 321 -2.91 -15.73 26.75
CA ALA D 321 -4.17 -16.42 27.05
C ALA D 321 -5.27 -15.92 26.13
N ALA D 322 -5.98 -16.86 25.52
CA ALA D 322 -7.16 -16.55 24.72
C ALA D 322 -8.42 -16.84 25.52
N THR D 323 -9.42 -15.98 25.36
CA THR D 323 -10.74 -16.25 25.91
C THR D 323 -11.77 -16.15 24.79
N LEU D 324 -12.86 -16.90 24.95
CA LEU D 324 -13.87 -17.00 23.90
C LEU D 324 -14.78 -15.78 23.90
N ASP D 325 -14.17 -14.60 23.89
CA ASP D 325 -14.86 -13.32 23.71
C ASP D 325 -14.02 -12.42 22.80
N ASN D 326 -13.34 -13.04 21.83
CA ASN D 326 -12.57 -12.32 20.81
C ASN D 326 -11.41 -11.54 21.43
N THR D 327 -10.75 -12.14 22.41
CA THR D 327 -9.73 -11.44 23.18
C THR D 327 -8.50 -12.31 23.38
N LEU D 328 -7.33 -11.73 23.14
CA LEU D 328 -6.04 -12.30 23.54
C LEU D 328 -5.41 -11.39 24.57
N LYS D 329 -4.78 -11.98 25.60
CA LYS D 329 -4.15 -11.20 26.65
C LYS D 329 -2.77 -11.74 26.98
N LEU D 330 -1.82 -10.82 27.16
CA LEU D 330 -0.48 -11.14 27.60
C LEU D 330 -0.41 -10.84 29.09
N TRP D 331 -0.13 -11.88 29.88
CA TRP D 331 -0.15 -11.80 31.33
C TRP D 331 1.27 -11.90 31.87
N ASP D 332 1.58 -11.07 32.86
CA ASP D 332 2.76 -11.24 33.69
C ASP D 332 2.37 -12.18 34.82
N TYR D 333 2.85 -13.43 34.76
CA TYR D 333 2.35 -14.45 35.68
C TYR D 333 2.88 -14.26 37.09
N SER D 334 4.12 -13.80 37.23
CA SER D 334 4.65 -13.53 38.57
C SER D 334 3.85 -12.43 39.26
N LYS D 335 3.52 -11.36 38.53
CA LYS D 335 2.74 -10.27 39.10
C LYS D 335 1.25 -10.54 39.04
N GLY D 336 0.80 -11.49 38.22
CA GLY D 336 -0.62 -11.73 38.08
C GLY D 336 -1.39 -10.60 37.41
N LYS D 337 -0.74 -9.86 36.52
CA LYS D 337 -1.32 -8.66 35.93
C LYS D 337 -1.28 -8.73 34.41
N CYS D 338 -2.39 -8.35 33.79
CA CYS D 338 -2.44 -8.28 32.34
C CYS D 338 -1.62 -7.09 31.84
N LEU D 339 -0.73 -7.35 30.89
CA LEU D 339 0.15 -6.33 30.32
C LEU D 339 -0.33 -5.81 28.97
N LYS D 340 -0.90 -6.68 28.14
CA LYS D 340 -1.33 -6.35 26.79
C LYS D 340 -2.60 -7.11 26.47
N THR D 341 -3.42 -6.52 25.60
CA THR D 341 -4.66 -7.10 25.11
C THR D 341 -4.75 -6.89 23.62
N TYR D 342 -5.12 -7.95 22.88
CA TYR D 342 -5.20 -7.92 21.43
C TYR D 342 -6.62 -8.31 21.02
N THR D 343 -7.23 -7.50 20.15
CA THR D 343 -8.61 -7.69 19.72
C THR D 343 -8.71 -7.41 18.23
N GLY D 344 -9.92 -7.62 17.70
CA GLY D 344 -10.20 -7.34 16.30
C GLY D 344 -10.44 -8.58 15.48
N HIS D 345 -10.04 -9.75 15.98
CA HIS D 345 -10.30 -11.02 15.33
C HIS D 345 -11.62 -11.58 15.86
N LYS D 346 -12.00 -12.75 15.36
CA LYS D 346 -13.24 -13.40 15.76
C LYS D 346 -12.91 -14.72 16.45
N ASN D 347 -13.27 -14.82 17.73
CA ASN D 347 -12.98 -16.05 18.46
C ASN D 347 -14.00 -16.18 19.58
N GLU D 348 -15.15 -16.76 19.24
CA GLU D 348 -16.22 -17.02 20.20
C GLU D 348 -16.63 -18.47 20.24
N LYS D 349 -16.15 -19.30 19.33
CA LYS D 349 -16.68 -20.64 19.16
C LYS D 349 -15.66 -21.75 19.33
N TYR D 350 -14.43 -21.56 18.86
CA TYR D 350 -13.42 -22.60 18.85
C TYR D 350 -12.22 -22.23 19.71
N CYS D 351 -11.52 -23.24 20.21
CA CYS D 351 -10.21 -23.03 20.78
C CYS D 351 -9.22 -22.91 19.63
N ILE D 352 -8.52 -21.78 19.57
CA ILE D 352 -7.64 -21.44 18.45
C ILE D 352 -6.26 -21.16 19.02
N PHE D 353 -5.25 -21.83 18.47
CA PHE D 353 -3.88 -21.59 18.90
C PHE D 353 -3.49 -20.13 18.70
N ALA D 354 -2.57 -19.66 19.54
CA ALA D 354 -1.94 -18.37 19.34
C ALA D 354 -0.44 -18.52 19.52
N ASN D 355 0.33 -17.63 18.90
CA ASN D 355 1.78 -17.76 18.90
C ASN D 355 2.46 -16.43 19.15
N PHE D 356 3.69 -16.53 19.66
CA PHE D 356 4.66 -15.45 19.60
C PHE D 356 5.49 -15.65 18.33
N SER D 357 5.58 -14.62 17.50
CA SER D 357 6.54 -14.62 16.39
C SER D 357 7.75 -13.81 16.83
N VAL D 358 8.93 -14.44 16.82
CA VAL D 358 10.12 -13.84 17.42
C VAL D 358 11.29 -13.75 16.46
N THR D 359 11.17 -14.31 15.26
CA THR D 359 12.27 -14.31 14.31
C THR D 359 12.46 -12.96 13.65
N GLY D 360 11.41 -12.16 13.54
CA GLY D 360 11.53 -10.85 12.93
C GLY D 360 10.96 -9.82 13.88
N GLY D 361 10.04 -8.99 13.39
CA GLY D 361 9.28 -8.15 14.30
C GLY D 361 8.57 -9.00 15.33
N LYS D 362 8.39 -8.43 16.52
CA LYS D 362 7.82 -9.19 17.65
C LYS D 362 6.30 -9.09 17.54
N TRP D 363 5.68 -10.17 17.08
CA TRP D 363 4.26 -10.22 16.81
C TRP D 363 3.55 -11.23 17.70
N ILE D 364 2.25 -11.05 17.81
CA ILE D 364 1.32 -12.08 18.23
C ILE D 364 0.59 -12.55 16.99
N VAL D 365 0.42 -13.87 16.85
CA VAL D 365 -0.21 -14.47 15.68
C VAL D 365 -1.33 -15.38 16.14
N SER D 366 -2.50 -15.26 15.50
CA SER D 366 -3.61 -16.12 15.86
C SER D 366 -4.46 -16.41 14.63
N GLY D 367 -5.08 -17.58 14.62
CA GLY D 367 -6.16 -17.85 13.70
C GLY D 367 -7.40 -17.07 14.12
N SER D 368 -8.45 -17.21 13.32
CA SER D 368 -9.67 -16.44 13.55
C SER D 368 -10.83 -17.11 12.82
N GLU D 369 -12.03 -16.91 13.35
CA GLU D 369 -13.22 -17.55 12.79
C GLU D 369 -13.76 -16.83 11.57
N ASP D 370 -13.15 -15.72 11.16
CA ASP D 370 -13.46 -15.10 9.88
C ASP D 370 -12.50 -15.53 8.79
N ASN D 371 -11.82 -16.65 8.98
CA ASN D 371 -10.95 -17.34 8.01
C ASN D 371 -9.65 -16.60 7.74
N LEU D 372 -9.28 -15.64 8.57
CA LEU D 372 -8.04 -14.88 8.40
C LEU D 372 -7.03 -15.29 9.46
N VAL D 373 -5.76 -15.10 9.13
CA VAL D 373 -4.68 -15.06 10.13
C VAL D 373 -4.48 -13.62 10.56
N TYR D 374 -4.46 -13.39 11.86
CA TYR D 374 -4.24 -12.05 12.42
C TYR D 374 -2.83 -11.97 12.99
N ILE D 375 -2.15 -10.86 12.70
CA ILE D 375 -0.83 -10.57 13.24
C ILE D 375 -0.90 -9.21 13.92
N TRP D 376 -0.52 -9.16 15.20
CA TRP D 376 -0.50 -7.93 15.98
C TRP D 376 0.93 -7.56 16.37
N ASN D 377 1.18 -6.26 16.47
CA ASN D 377 2.37 -5.77 17.13
C ASN D 377 2.26 -6.05 18.63
N LEU D 378 3.17 -6.85 19.18
CA LEU D 378 3.04 -7.26 20.58
C LEU D 378 3.02 -6.04 21.50
N GLN D 379 3.85 -5.04 21.21
CA GLN D 379 3.98 -3.89 22.10
C GLN D 379 2.83 -2.90 21.93
N THR D 380 2.50 -2.54 20.68
CA THR D 380 1.50 -1.50 20.47
C THR D 380 0.07 -2.04 20.47
N LYS D 381 -0.09 -3.35 20.28
CA LYS D 381 -1.37 -4.06 20.24
C LYS D 381 -2.12 -3.79 18.93
N GLU D 382 -1.56 -3.04 17.99
CA GLU D 382 -2.22 -2.80 16.72
C GLU D 382 -2.08 -4.00 15.79
N ILE D 383 -3.14 -4.29 15.03
CA ILE D 383 -3.05 -5.27 13.96
C ILE D 383 -2.13 -4.74 12.88
N VAL D 384 -1.16 -5.57 12.48
CA VAL D 384 -0.21 -5.19 11.44
C VAL D 384 -0.42 -5.97 10.14
N GLN D 385 -1.12 -7.10 10.16
CA GLN D 385 -1.41 -7.81 8.93
C GLN D 385 -2.55 -8.78 9.17
N LYS D 386 -3.31 -9.03 8.11
CA LYS D 386 -4.37 -10.04 8.08
C LYS D 386 -4.18 -10.87 6.83
N LEU D 387 -3.95 -12.17 7.00
CA LEU D 387 -3.63 -13.06 5.89
C LEU D 387 -4.89 -13.71 5.35
N GLN D 388 -5.20 -13.46 4.08
CA GLN D 388 -6.41 -13.96 3.44
C GLN D 388 -6.06 -15.11 2.51
N GLY D 389 -6.91 -16.13 2.51
CA GLY D 389 -6.70 -17.27 1.64
C GLY D 389 -7.51 -18.48 2.03
N HIS D 390 -7.58 -18.76 3.32
CA HIS D 390 -8.34 -19.90 3.78
C HIS D 390 -9.84 -19.67 3.54
N THR D 391 -10.57 -20.78 3.44
CA THR D 391 -12.01 -20.71 3.21
C THR D 391 -12.80 -21.34 4.37
N ASP D 392 -12.16 -21.46 5.53
CA ASP D 392 -12.85 -21.88 6.74
C ASP D 392 -12.04 -21.33 7.91
N VAL D 393 -12.59 -21.53 9.11
CA VAL D 393 -11.97 -21.06 10.34
C VAL D 393 -10.52 -21.49 10.38
N VAL D 394 -9.63 -20.55 10.68
CA VAL D 394 -8.22 -20.86 10.85
C VAL D 394 -8.05 -21.26 12.30
N ILE D 395 -7.97 -22.56 12.53
CA ILE D 395 -7.99 -23.13 13.87
C ILE D 395 -6.61 -23.17 14.48
N SER D 396 -5.56 -23.12 13.67
CA SER D 396 -4.21 -23.35 14.16
C SER D 396 -3.23 -22.53 13.33
N THR D 397 -2.28 -21.92 14.01
CA THR D 397 -1.15 -21.27 13.38
C THR D 397 0.11 -21.68 14.11
N ALA D 398 1.24 -21.54 13.42
CA ALA D 398 2.55 -21.84 13.99
C ALA D 398 3.57 -20.94 13.33
N CYS D 399 4.64 -20.65 14.08
CA CYS D 399 5.71 -19.78 13.62
C CYS D 399 7.01 -20.55 13.57
N HIS D 400 7.72 -20.43 12.47
CA HIS D 400 8.97 -21.17 12.28
C HIS D 400 10.01 -20.71 13.30
N PRO D 401 10.85 -21.61 13.81
CA PRO D 401 11.74 -21.24 14.92
C PRO D 401 12.86 -20.28 14.55
N THR D 402 13.22 -20.15 13.27
CA THR D 402 14.35 -19.30 12.89
C THR D 402 14.10 -18.42 11.67
N GLU D 403 13.17 -18.78 10.80
CA GLU D 403 12.83 -18.00 9.63
C GLU D 403 11.47 -17.36 9.79
N ASN D 404 11.22 -16.32 9.00
CA ASN D 404 9.98 -15.56 9.05
C ASN D 404 8.94 -16.29 8.19
N ILE D 405 8.40 -17.37 8.77
CA ILE D 405 7.49 -18.27 8.08
C ILE D 405 6.37 -18.63 9.05
N ILE D 406 5.13 -18.53 8.57
CA ILE D 406 3.95 -18.92 9.35
C ILE D 406 3.26 -20.06 8.62
N ALA D 407 2.79 -21.04 9.39
CA ALA D 407 1.89 -22.07 8.90
C ALA D 407 0.51 -21.84 9.48
N SER D 408 -0.52 -22.08 8.67
CA SER D 408 -1.90 -21.89 9.10
C SER D 408 -2.72 -23.09 8.63
N ALA D 409 -3.75 -23.45 9.40
CA ALA D 409 -4.56 -24.61 9.07
C ALA D 409 -6.02 -24.31 9.29
N ALA D 410 -6.88 -24.87 8.44
CA ALA D 410 -8.30 -24.53 8.46
C ALA D 410 -9.21 -25.74 8.56
N LEU D 411 -10.46 -25.46 8.94
CA LEU D 411 -11.46 -26.50 9.17
C LEU D 411 -12.03 -27.08 7.88
N GLU D 412 -13.15 -27.79 8.02
CA GLU D 412 -13.55 -28.81 7.06
C GLU D 412 -13.84 -28.27 5.65
N ASN D 413 -14.29 -27.02 5.52
CA ASN D 413 -14.53 -26.48 4.17
C ASN D 413 -13.23 -26.32 3.39
N ASP D 414 -12.09 -26.30 4.07
CA ASP D 414 -10.81 -25.93 3.49
C ASP D 414 -9.82 -27.08 3.52
N LYS D 415 -9.55 -27.63 4.70
CA LYS D 415 -8.78 -28.85 4.89
C LYS D 415 -7.33 -28.73 4.43
N THR D 416 -6.86 -27.52 4.15
CA THR D 416 -5.50 -27.29 3.70
C THR D 416 -4.69 -26.53 4.73
N ILE D 417 -3.40 -26.71 4.65
CA ILE D 417 -2.41 -25.97 5.42
C ILE D 417 -1.76 -24.98 4.46
N LYS D 418 -1.54 -23.75 4.92
CA LYS D 418 -0.88 -22.77 4.08
C LYS D 418 0.42 -22.30 4.75
N LEU D 419 1.44 -22.13 3.92
CA LEU D 419 2.75 -21.63 4.35
C LEU D 419 2.92 -20.23 3.80
N TRP D 420 3.17 -19.27 4.68
CA TRP D 420 3.31 -17.87 4.34
C TRP D 420 4.72 -17.42 4.70
N LYS D 421 5.31 -16.56 3.87
CA LYS D 421 6.66 -16.09 4.14
C LYS D 421 6.73 -14.57 4.08
N SER D 422 7.50 -13.99 5.00
CA SER D 422 7.69 -12.56 5.12
C SER D 422 9.16 -12.22 4.92
N ASP D 423 9.42 -11.05 4.34
CA ASP D 423 10.79 -10.55 4.20
C ASP D 423 11.36 -10.02 5.51
N CYS D 424 10.52 -9.75 6.50
CA CYS D 424 10.92 -9.22 7.79
C CYS D 424 10.03 -9.71 8.93
C11 A1BW8 E . 15.50 28.80 -2.07
C12 A1BW8 E . 16.60 29.61 -2.23
C13 A1BW8 E . 16.46 31.01 -2.89
C14 A1BW8 E . 15.28 30.98 -3.90
C15 A1BW8 E . 14.07 30.28 -3.28
C16 A1BW8 E . 14.22 29.24 -2.47
C17 A1BW8 E . 13.07 28.61 -1.88
C18 A1BW8 E . 11.81 29.05 -2.20
C19 A1BW8 E . 10.61 28.33 -1.55
C02 A1BW8 E . 19.82 30.29 2.49
C03 A1BW8 E . 18.51 30.20 2.07
C04 A1BW8 E . 17.37 30.38 3.08
C05 A1BW8 E . 18.25 29.92 0.72
C06 A1BW8 E . 19.30 29.75 -0.17
C07 A1BW8 E . 19.04 29.45 -1.66
C21 A1BW8 E . 10.17 28.43 0.92
C22 A1BW8 E . 10.28 26.95 1.26
C24 A1BW8 E . 9.85 30.57 1.14
C25 A1BW8 E . 10.12 30.30 -0.16
C26 A1BW8 E . 11.65 30.12 -3.07
C27 A1BW8 E . 12.76 30.74 -3.61
C28 A1BW8 E . 12.62 31.90 -4.60
C29 A1BW8 E . 12.54 33.26 -4.36
C31 A1BW8 E . 12.31 35.27 -5.82
C32 A1BW8 E . 12.79 36.17 -4.68
C34 A1BW8 E . 12.54 31.73 -5.97
C35 A1BW8 E . 12.59 30.41 -6.76
C39 A1BW8 E . 20.61 29.86 0.26
C40 A1BW8 E . 20.87 30.14 1.59
F01 A1BW8 E . 20.10 30.56 3.80
F36 A1BW8 E . 13.03 30.68 -8.01
F37 A1BW8 E . 11.34 29.87 -6.76
F38 A1BW8 E . 13.45 29.52 -6.22
N08 A1BW8 E . 17.68 28.96 -1.71
N09 A1BW8 E . 17.26 27.75 -1.23
N10 A1BW8 E . 15.92 27.66 -1.43
N20 A1BW8 E . 10.31 29.01 -0.29
N23 A1BW8 E . 9.87 29.42 1.79
N30 A1BW8 E . 12.42 33.85 -5.52
N33 A1BW8 E . 12.42 32.92 -6.53
C11 A1BW8 F . 34.88 -12.81 -14.56
C12 A1BW8 F . 35.96 -11.97 -14.70
C13 A1BW8 F . 35.77 -10.56 -15.31
C14 A1BW8 F . 34.66 -10.65 -16.38
C15 A1BW8 F . 33.44 -11.35 -15.75
C16 A1BW8 F . 33.59 -12.38 -14.94
C17 A1BW8 F . 32.43 -13.01 -14.35
C18 A1BW8 F . 31.16 -12.56 -14.68
C19 A1BW8 F . 29.93 -13.22 -14.07
C02 A1BW8 F . 39.22 -11.38 -9.98
C03 A1BW8 F . 37.90 -11.48 -10.42
C04 A1BW8 F . 36.77 -11.35 -9.41
C05 A1BW8 F . 37.65 -11.70 -11.78
C06 A1BW8 F . 38.69 -11.84 -12.69
C07 A1BW8 F . 38.41 -12.08 -14.18
C21 A1BW8 F . 29.52 -13.09 -11.61
C22 A1BW8 F . 29.70 -14.58 -11.29
C24 A1BW8 F . 29.16 -10.97 -11.37
C25 A1BW8 F . 29.41 -11.24 -12.69
C26 A1BW8 F . 31.00 -11.49 -15.57
C27 A1BW8 F . 32.13 -10.90 -16.10
C28 A1BW8 F . 32.04 -9.75 -17.07
C29 A1BW8 F . 32.05 -8.45 -16.71
C31 A1BW8 F . 32.01 -6.32 -17.75
C32 A1BW8 F . 30.83 -5.89 -18.55
C34 A1BW8 F . 31.96 -9.83 -18.45
C35 A1BW8 F . 31.94 -11.11 -19.28
C39 A1BW8 F . 40.00 -11.72 -12.24
C40 A1BW8 F . 40.25 -11.49 -10.89
F01 A1BW8 F . 39.47 -11.16 -8.66
F36 A1BW8 F . 30.70 -11.64 -19.32
F37 A1BW8 F . 32.83 -12.03 -18.78
F38 A1BW8 F . 32.35 -10.82 -20.54
N08 A1BW8 F . 37.06 -12.62 -14.24
N09 A1BW8 F . 36.68 -13.85 -13.80
N10 A1BW8 F . 35.33 -13.97 -14.00
N20 A1BW8 F . 29.65 -12.53 -12.81
N23 A1BW8 F . 29.24 -12.13 -10.71
N30 A1BW8 F . 31.98 -7.75 -17.80
N33 A1BW8 F . 31.92 -8.58 -18.91
C11 A1BW8 G . -40.15 10.20 -13.99
C12 A1BW8 G . -41.20 9.39 -13.60
C13 A1BW8 G . -41.22 7.88 -13.99
C14 A1BW8 G . -40.52 7.74 -15.36
C15 A1BW8 G . -39.18 8.49 -15.34
C16 A1BW8 G . -39.07 9.66 -14.70
C17 A1BW8 G . -37.80 10.34 -14.67
C18 A1BW8 G . -36.72 9.80 -15.33
C19 A1BW8 G . -35.38 10.56 -15.28
C02 A1BW8 G . -42.56 9.54 -8.08
C03 A1BW8 G . -41.49 9.48 -8.96
C04 A1BW8 G . -40.06 9.36 -8.43
C05 A1BW8 G . -41.74 9.51 -10.33
C06 A1BW8 G . -43.04 9.61 -10.81
C07 A1BW8 G . -43.31 9.66 -12.32
C21 A1BW8 G . -34.02 10.89 -13.18
C22 A1BW8 G . -34.04 12.42 -13.09
C24 A1BW8 G . -33.59 8.83 -12.69
C25 A1BW8 G . -34.33 8.86 -13.82
C26 A1BW8 G . -36.84 8.60 -16.01
C27 A1BW8 G . -38.06 7.93 -16.01
C28 A1BW8 G . -38.22 6.62 -16.77
C29 A1BW8 G . -37.98 5.33 -16.35
C31 A1BW8 G . -38.13 3.08 -17.40
C32 A1BW8 G . -38.41 2.51 -16.01
C34 A1BW8 G . -38.66 6.53 -18.10
C35 A1BW8 G . -39.06 7.68 -19.02
C39 A1BW8 G . -44.10 9.68 -9.93
C40 A1BW8 G . -43.87 9.64 -8.57
F01 A1BW8 G . -42.37 9.52 -6.74
F36 A1BW8 G . -39.68 8.70 -18.36
F37 A1BW8 G . -39.88 7.24 -19.99
F38 A1BW8 G . -37.91 8.10 -19.57
N08 A1BW8 G . -42.08 10.14 -12.92
N09 A1BW8 G . -41.60 11.42 -12.84
N10 A1BW8 G . -40.40 11.46 -13.50
N20 A1BW8 G . -34.60 10.11 -14.11
N23 A1BW8 G . -33.40 10.08 -12.31
N30 A1BW8 G . -38.24 4.52 -17.36
N33 A1BW8 G . -38.67 5.25 -18.44
C11 A1BW8 H . -12.34 -27.10 19.29
C12 A1BW8 H . -13.37 -27.91 19.73
C13 A1BW8 H . -13.38 -29.43 19.37
C14 A1BW8 H . -12.72 -29.59 17.97
C15 A1BW8 H . -11.39 -28.84 17.97
C16 A1BW8 H . -11.27 -27.67 18.59
C17 A1BW8 H . -10.02 -26.97 18.60
C18 A1BW8 H . -8.93 -27.51 17.95
C19 A1BW8 H . -7.60 -26.73 17.99
C02 A1BW8 H . -14.61 -27.63 25.26
C03 A1BW8 H . -13.56 -27.59 24.36
C04 A1BW8 H . -12.13 -27.55 24.88
C05 A1BW8 H . -13.84 -27.59 23.00
C06 A1BW8 H . -15.15 -27.63 22.54
C07 A1BW8 H . -15.46 -27.62 21.04
C21 A1BW8 H . -6.32 -26.42 20.12
C22 A1BW8 H . -6.41 -24.89 20.22
C24 A1BW8 H . -5.80 -28.48 20.57
C25 A1BW8 H . -6.52 -28.43 19.42
C26 A1BW8 H . -9.06 -28.72 17.29
C27 A1BW8 H . -10.28 -29.40 17.30
C28 A1BW8 H . -10.42 -30.72 16.54
C29 A1BW8 H . -10.19 -32.00 16.98
C31 A1BW8 H . -10.32 -34.25 15.96
C32 A1BW8 H . -10.67 -34.84 17.31
C34 A1BW8 H . -10.83 -30.81 15.21
C35 A1BW8 H . -11.21 -29.65 14.28
C39 A1BW8 H . -16.20 -27.67 23.45
C40 A1BW8 H . -15.93 -27.68 24.81
F01 A1BW8 H . -14.35 -27.63 26.59
F36 A1BW8 H . -11.85 -28.65 14.94
F37 A1BW8 H . -12.05 -30.08 13.32
F38 A1BW8 H . -10.06 -29.19 13.73
N08 A1BW8 H . -14.24 -27.14 20.42
N09 A1BW8 H . -13.77 -25.86 20.44
N10 A1BW8 H . -12.58 -25.84 19.75
N20 A1BW8 H . -6.83 -27.19 19.15
N23 A1BW8 H . -5.68 -27.23 20.99
N30 A1BW8 H . -10.43 -32.81 15.98
N33 A1BW8 H . -10.82 -32.10 14.87
#